data_5UY3
#
_entry.id   5UY3
#
_cell.length_a   57.600
_cell.length_b   67.550
_cell.length_c   69.550
_cell.angle_alpha   82.04
_cell.angle_beta   74.89
_cell.angle_gamma   81.26
#
_symmetry.space_group_name_H-M   'P 1'
#
loop_
_entity.id
_entity.type
_entity.pdbx_description
1 polymer 'Antibody PGT144 Fab light chain'
2 polymer 'Antibody PGT144 Fab heavy chain'
#
loop_
_entity_poly.entity_id
_entity_poly.type
_entity_poly.pdbx_seq_one_letter_code
_entity_poly.pdbx_strand_id
1 'polypeptide(L)'
;TVVTQSPLSLSVTPGEAASMSCTSTQSLRHSNGANYLAWYQHKPGQSPRLLIRLGSQRASGVPDRFSGSGSGTHFTLKIS
RVEADDAAIYYCMQGLNRPWTFGKGTKLEIKRTVAAPSVFIFPPSDEQLKSGTASVVCLLNNFYPREAKVQWKVDNALQS
GNSQESVTEQDSKDSTYSLSSTLTLSKADYEKHKVYACEVTHQGLSSPVTKSFNRG
;
L,B
2 'polypeptide(L)'
;LVQSGAEVKKPGSSVKVSCKASGNTFRKYDVHWVRQATGQGLEWVGWMSHEGDKTESAQRFKGRVSFTRDNSASTAYIEL
RGLTSDDTAIYYCTGGSKHRLRDYVL(TYS)DDYGLINQQEWNDYLEFLDVWGHGTAVTVSSASTKGPSVFPLAPSSKST
SGGTAALGCLVKDYFPEPVTVSWNSGALTSGVHTFPAVLQSSGLYSLSSVVTVPSSSLGTQTYICNVNHKPSNTKVDKKV
EP
;
H,A
#
# COMPACT_ATOMS: atom_id res chain seq x y z
N THR A 1 37.40 -1.69 6.67
CA THR A 1 37.05 -0.70 5.66
C THR A 1 35.89 0.17 6.13
N VAL A 2 36.19 1.44 6.41
CA VAL A 2 35.25 2.36 7.04
C VAL A 2 34.76 3.35 5.99
N VAL A 3 33.44 3.58 5.98
CA VAL A 3 32.81 4.56 5.11
C VAL A 3 32.16 5.62 5.98
N THR A 4 32.41 6.89 5.66
CA THR A 4 32.00 8.02 6.50
C THR A 4 31.15 8.99 5.70
N GLN A 5 30.05 9.45 6.31
CA GLN A 5 29.15 10.40 5.69
C GLN A 5 29.45 11.82 6.17
N SER A 6 29.18 12.79 5.30
CA SER A 6 29.42 14.19 5.62
C SER A 6 28.52 15.08 4.75
N PRO A 7 27.86 16.08 5.35
CA PRO A 7 27.92 16.49 6.76
C PRO A 7 27.07 15.62 7.68
N LEU A 8 27.11 15.89 8.98
CA LEU A 8 26.30 15.13 9.94
C LEU A 8 24.83 15.54 9.90
N SER A 9 24.53 16.81 9.63
CA SER A 9 23.16 17.29 9.55
C SER A 9 23.05 18.29 8.40
N LEU A 10 21.83 18.42 7.89
CA LEU A 10 21.56 19.26 6.72
C LEU A 10 20.41 20.22 7.02
N SER A 11 20.56 21.46 6.55
CA SER A 11 19.54 22.50 6.72
C SER A 11 19.17 23.02 5.34
N VAL A 12 18.01 22.61 4.84
CA VAL A 12 17.60 22.88 3.46
C VAL A 12 16.25 23.60 3.49
N THR A 13 16.21 24.79 2.91
CA THR A 13 14.95 25.45 2.65
C THR A 13 14.18 24.64 1.61
N PRO A 14 12.90 24.32 1.85
CA PRO A 14 12.18 23.47 0.90
C PRO A 14 12.23 24.02 -0.52
N GLY A 15 12.19 23.10 -1.48
CA GLY A 15 12.41 23.47 -2.86
C GLY A 15 13.84 23.82 -3.21
N GLU A 16 14.81 23.20 -2.53
CA GLU A 16 16.23 23.46 -2.77
C GLU A 16 16.94 22.14 -3.05
N ALA A 17 18.17 22.26 -3.52
CA ALA A 17 19.03 21.09 -3.65
C ALA A 17 19.64 20.75 -2.30
N ALA A 18 19.85 19.46 -2.08
CA ALA A 18 20.57 18.95 -0.91
C ALA A 18 21.57 17.91 -1.39
N SER A 19 22.85 18.14 -1.13
CA SER A 19 23.91 17.26 -1.57
C SER A 19 24.64 16.70 -0.37
N MET A 20 24.86 15.39 -0.36
CA MET A 20 25.56 14.67 0.69
C MET A 20 26.78 13.99 0.07
N SER A 21 27.43 13.13 0.85
CA SER A 21 28.64 12.48 0.38
C SER A 21 28.99 11.31 1.28
N CYS A 22 29.19 10.14 0.69
CA CYS A 22 29.76 8.99 1.39
C CYS A 22 31.15 8.71 0.82
N THR A 23 32.14 8.65 1.70
CA THR A 23 33.53 8.45 1.32
C THR A 23 34.06 7.20 2.00
N SER A 24 34.63 6.29 1.21
CA SER A 24 35.14 5.03 1.73
C SER A 24 36.67 5.03 1.69
N THR A 25 37.27 4.24 2.59
CA THR A 25 38.72 4.10 2.61
C THR A 25 39.18 3.31 1.39
N GLN A 26 38.95 2.00 1.40
CA GLN A 26 39.20 1.21 0.21
C GLN A 26 38.14 1.49 -0.85
N SER A 27 38.43 1.11 -2.09
CA SER A 27 37.50 1.36 -3.18
C SER A 27 36.32 0.39 -3.11
N LEU A 28 35.17 0.84 -3.61
CA LEU A 28 33.97 0.01 -3.62
C LEU A 28 33.65 -0.57 -5.00
N ARG A 29 34.51 -0.32 -5.99
CA ARG A 29 34.23 -0.70 -7.36
C ARG A 29 34.71 -2.13 -7.59
N HIS A 30 33.77 -3.06 -7.75
CA HIS A 30 34.12 -4.41 -8.17
C HIS A 30 34.76 -4.36 -9.56
N SER A 31 35.52 -5.41 -9.89
CA SER A 31 36.23 -5.46 -11.17
C SER A 31 35.28 -5.37 -12.36
N ASN A 32 34.00 -5.65 -12.18
CA ASN A 32 33.01 -5.51 -13.24
C ASN A 32 32.51 -4.08 -13.42
N GLY A 33 33.19 -3.10 -12.82
CA GLY A 33 32.81 -1.71 -12.96
C GLY A 33 31.55 -1.31 -12.24
N ALA A 34 30.99 -2.19 -11.41
CA ALA A 34 29.81 -1.89 -10.61
C ALA A 34 30.26 -1.44 -9.24
N ASN A 35 29.85 -0.24 -8.84
CA ASN A 35 30.06 0.24 -7.49
C ASN A 35 28.95 -0.29 -6.59
N TYR A 36 29.32 -0.83 -5.43
CA TYR A 36 28.38 -1.47 -4.52
C TYR A 36 28.18 -0.57 -3.30
N LEU A 37 27.53 0.57 -3.52
CA LEU A 37 27.16 1.48 -2.45
C LEU A 37 25.69 1.84 -2.62
N ALA A 38 24.85 1.42 -1.67
CA ALA A 38 23.43 1.70 -1.71
C ALA A 38 23.08 2.82 -0.75
N TRP A 39 22.05 3.60 -1.10
CA TRP A 39 21.55 4.68 -0.27
C TRP A 39 20.18 4.32 0.28
N TYR A 40 19.97 4.61 1.57
CA TYR A 40 18.72 4.34 2.25
C TYR A 40 18.25 5.58 2.99
N GLN A 41 16.94 5.76 3.07
CA GLN A 41 16.35 6.77 3.94
C GLN A 41 15.65 6.09 5.11
N HIS A 42 15.64 6.76 6.25
CA HIS A 42 15.01 6.23 7.46
C HIS A 42 14.27 7.37 8.16
N LYS A 43 12.97 7.37 8.04
CA LYS A 43 12.20 8.31 8.83
C LYS A 43 11.78 7.66 10.14
N PRO A 44 11.71 8.43 11.22
CA PRO A 44 11.57 7.83 12.56
C PRO A 44 10.29 7.03 12.71
N GLY A 45 10.36 6.00 13.55
CA GLY A 45 9.22 5.13 13.78
C GLY A 45 8.75 4.39 12.55
N GLN A 46 9.67 4.09 11.63
CA GLN A 46 9.31 3.52 10.34
C GLN A 46 10.41 2.55 9.91
N SER A 47 10.12 1.77 8.87
CA SER A 47 11.17 0.92 8.34
C SER A 47 11.98 1.66 7.29
N PRO A 48 13.30 1.44 7.24
CA PRO A 48 14.12 2.15 6.26
C PRO A 48 13.77 1.76 4.84
N ARG A 49 13.97 2.71 3.93
CA ARG A 49 13.60 2.56 2.53
C ARG A 49 14.82 2.73 1.64
N LEU A 50 15.04 1.77 0.75
CA LEU A 50 16.11 1.88 -0.23
C LEU A 50 15.71 2.87 -1.32
N LEU A 51 16.64 3.74 -1.69
CA LEU A 51 16.37 4.72 -2.73
C LEU A 51 17.39 4.70 -3.87
N ILE A 52 18.66 4.45 -3.59
CA ILE A 52 19.70 4.39 -4.61
C ILE A 52 20.51 3.12 -4.40
N ARG A 53 20.65 2.32 -5.45
CA ARG A 53 21.46 1.10 -5.40
C ARG A 53 22.50 1.15 -6.50
N LEU A 54 23.60 0.42 -6.28
CA LEU A 54 24.72 0.33 -7.22
C LEU A 54 25.27 1.71 -7.57
N GLY A 55 25.24 2.63 -6.62
CA GLY A 55 25.82 3.94 -6.84
C GLY A 55 24.94 4.97 -7.51
N SER A 56 24.28 4.61 -8.61
CA SER A 56 23.48 5.56 -9.39
C SER A 56 22.06 5.11 -9.68
N GLN A 57 21.76 3.82 -9.61
CA GLN A 57 20.47 3.30 -10.03
C GLN A 57 19.40 3.52 -8.96
N ARG A 58 18.19 3.83 -9.40
CA ARG A 58 17.06 4.08 -8.52
C ARG A 58 16.17 2.85 -8.41
N ALA A 59 15.60 2.65 -7.22
CA ALA A 59 14.70 1.53 -6.98
C ALA A 59 13.28 1.91 -7.37
N SER A 60 12.34 0.98 -7.15
CA SER A 60 10.96 1.18 -7.55
C SER A 60 10.27 2.20 -6.64
N GLY A 61 9.81 3.30 -7.22
CA GLY A 61 9.09 4.32 -6.51
C GLY A 61 9.88 5.58 -6.22
N VAL A 62 11.20 5.51 -6.30
CA VAL A 62 12.06 6.65 -5.97
C VAL A 62 11.97 7.70 -7.07
N PRO A 63 11.50 8.91 -6.77
CA PRO A 63 11.48 9.97 -7.78
C PRO A 63 12.89 10.33 -8.23
N ASP A 64 12.98 10.90 -9.42
CA ASP A 64 14.27 11.24 -10.02
C ASP A 64 14.92 12.47 -9.41
N ARG A 65 14.32 13.04 -8.36
CA ARG A 65 15.01 14.08 -7.60
C ARG A 65 16.12 13.48 -6.74
N PHE A 66 15.98 12.23 -6.35
CA PHE A 66 17.03 11.49 -5.67
C PHE A 66 17.94 10.85 -6.71
N SER A 67 19.20 11.29 -6.76
CA SER A 67 20.14 10.85 -7.78
C SER A 67 21.40 10.33 -7.11
N GLY A 68 21.65 9.04 -7.24
CA GLY A 68 22.92 8.49 -6.80
C GLY A 68 24.02 8.81 -7.78
N SER A 69 25.24 8.95 -7.25
CA SER A 69 26.37 9.41 -8.06
C SER A 69 27.66 8.99 -7.38
N GLY A 70 28.76 9.11 -8.13
CA GLY A 70 30.09 8.82 -7.61
C GLY A 70 30.60 7.47 -8.08
N SER A 71 31.87 7.22 -7.73
CA SER A 71 32.53 5.98 -8.11
C SER A 71 33.82 5.84 -7.31
N GLY A 72 34.13 4.60 -6.96
CA GLY A 72 35.41 4.28 -6.34
C GLY A 72 35.40 4.43 -4.83
N THR A 73 35.75 5.63 -4.35
CA THR A 73 35.71 5.93 -2.93
C THR A 73 34.89 7.17 -2.61
N HIS A 74 34.36 7.86 -3.62
CA HIS A 74 33.64 9.13 -3.43
C HIS A 74 32.27 9.01 -4.07
N PHE A 75 31.24 8.87 -3.26
CA PHE A 75 29.86 8.81 -3.72
C PHE A 75 29.10 10.00 -3.15
N THR A 76 27.91 10.25 -3.70
CA THR A 76 27.18 11.46 -3.38
C THR A 76 25.70 11.26 -3.65
N LEU A 77 24.87 11.51 -2.64
CA LEU A 77 23.42 11.54 -2.79
C LEU A 77 22.97 12.99 -2.90
N LYS A 78 22.07 13.26 -3.83
CA LYS A 78 21.58 14.60 -4.09
C LYS A 78 20.06 14.60 -4.13
N ILE A 79 19.45 15.37 -3.24
CA ILE A 79 18.01 15.58 -3.24
C ILE A 79 17.74 16.98 -3.80
N SER A 80 17.03 17.05 -4.92
CA SER A 80 16.69 18.33 -5.54
C SER A 80 15.23 18.66 -5.28
N ARG A 81 14.95 19.95 -5.06
CA ARG A 81 13.64 20.42 -4.63
C ARG A 81 13.12 19.57 -3.48
N VAL A 82 13.70 19.76 -2.29
CA VAL A 82 13.30 18.97 -1.13
C VAL A 82 11.93 19.42 -0.64
N GLU A 83 11.16 18.47 -0.11
CA GLU A 83 9.89 18.76 0.53
C GLU A 83 9.97 18.34 1.99
N ALA A 84 8.98 18.80 2.77
CA ALA A 84 8.94 18.47 4.20
C ALA A 84 8.93 16.96 4.42
N ASP A 85 8.39 16.21 3.46
CA ASP A 85 8.36 14.75 3.55
C ASP A 85 9.74 14.13 3.49
N ASP A 86 10.74 14.87 3.02
CA ASP A 86 12.07 14.30 2.80
C ASP A 86 13.02 14.51 3.97
N ALA A 87 12.62 15.24 5.00
CA ALA A 87 13.42 15.33 6.20
C ALA A 87 13.53 13.95 6.84
N ALA A 88 14.75 13.42 6.92
CA ALA A 88 15.00 12.07 7.41
C ALA A 88 16.50 11.91 7.63
N ILE A 89 16.91 10.68 7.93
CA ILE A 89 18.32 10.31 8.04
C ILE A 89 18.63 9.38 6.87
N TYR A 90 19.62 9.74 6.07
CA TYR A 90 19.96 9.00 4.86
C TYR A 90 21.26 8.22 5.09
N TYR A 91 21.20 6.92 4.83
CA TYR A 91 22.30 6.01 5.08
C TYR A 91 22.85 5.44 3.78
N CYS A 92 24.17 5.54 3.61
CA CYS A 92 24.84 4.81 2.55
C CYS A 92 25.44 3.53 3.12
N MET A 93 25.45 2.48 2.30
CA MET A 93 25.88 1.16 2.75
C MET A 93 26.76 0.53 1.67
N GLN A 94 28.00 0.23 2.02
CA GLN A 94 28.90 -0.46 1.10
C GLN A 94 28.60 -1.95 1.09
N GLY A 95 28.83 -2.58 -0.06
CA GLY A 95 28.55 -3.99 -0.21
C GLY A 95 29.68 -4.79 -0.83
N LEU A 96 30.85 -4.17 -0.97
CA LEU A 96 31.97 -4.85 -1.63
C LEU A 96 32.72 -5.73 -0.65
N ASN A 97 33.29 -5.15 0.40
CA ASN A 97 34.14 -5.87 1.33
C ASN A 97 33.35 -6.41 2.51
N ARG A 98 33.70 -7.60 2.96
CA ARG A 98 33.17 -8.14 4.20
C ARG A 98 34.04 -7.66 5.36
N PRO A 99 33.41 -7.30 6.49
CA PRO A 99 31.97 -7.28 6.70
C PRO A 99 31.32 -6.06 6.05
N TRP A 100 30.06 -6.18 5.66
CA TRP A 100 29.34 -5.06 5.09
C TRP A 100 28.97 -4.08 6.20
N THR A 101 29.23 -2.79 5.96
CA THR A 101 29.06 -1.77 6.97
C THR A 101 28.08 -0.71 6.48
N PHE A 102 27.21 -0.27 7.40
CA PHE A 102 26.40 0.91 7.16
C PHE A 102 27.21 2.18 7.41
N GLY A 103 26.67 3.30 6.97
CA GLY A 103 27.27 4.59 7.25
C GLY A 103 26.74 5.20 8.54
N LYS A 104 27.46 6.22 9.01
CA LYS A 104 27.06 6.91 10.24
C LYS A 104 25.72 7.60 10.08
N GLY A 105 25.37 8.00 8.87
CA GLY A 105 24.11 8.64 8.60
C GLY A 105 24.25 10.15 8.47
N THR A 106 23.36 10.75 7.67
CA THR A 106 23.27 12.19 7.52
C THR A 106 21.83 12.60 7.75
N LYS A 107 21.60 13.41 8.78
CA LYS A 107 20.27 13.86 9.13
C LYS A 107 19.89 15.07 8.28
N LEU A 108 18.68 15.06 7.75
CA LEU A 108 18.15 16.17 6.96
C LEU A 108 16.97 16.78 7.70
N GLU A 109 17.04 18.09 7.93
CA GLU A 109 15.95 18.83 8.55
C GLU A 109 15.58 20.01 7.68
N ILE A 110 14.35 20.49 7.85
CA ILE A 110 13.81 21.58 7.06
C ILE A 110 14.32 22.90 7.61
N LYS A 111 14.94 23.71 6.75
CA LYS A 111 15.30 25.05 7.15
C LYS A 111 14.04 25.91 7.22
N ARG A 112 14.02 26.82 8.19
CA ARG A 112 12.83 27.59 8.52
C ARG A 112 13.26 28.98 8.94
N THR A 113 12.29 29.88 9.09
CA THR A 113 12.56 31.13 9.76
C THR A 113 12.67 30.87 11.26
N VAL A 114 13.44 31.73 11.94
CA VAL A 114 13.58 31.60 13.39
C VAL A 114 12.22 31.78 14.04
N ALA A 115 11.87 30.86 14.93
CA ALA A 115 10.62 30.94 15.68
C ALA A 115 10.93 30.78 17.17
N ALA A 116 10.48 31.72 17.98
CA ALA A 116 10.73 31.65 19.40
C ALA A 116 9.78 30.67 20.07
N PRO A 117 10.17 30.07 21.19
CA PRO A 117 9.27 29.15 21.89
C PRO A 117 8.33 29.88 22.84
N SER A 118 7.17 29.27 23.05
CA SER A 118 6.23 29.69 24.09
C SER A 118 6.41 28.77 25.29
N VAL A 119 6.66 29.36 26.46
CA VAL A 119 7.12 28.63 27.63
C VAL A 119 5.98 28.50 28.64
N PHE A 120 5.90 27.32 29.26
CA PHE A 120 4.91 27.04 30.29
C PHE A 120 5.58 26.26 31.42
N ILE A 121 5.02 26.40 32.62
CA ILE A 121 5.54 25.75 33.82
C ILE A 121 4.39 25.04 34.52
N PHE A 122 4.65 23.81 34.96
CA PHE A 122 3.63 22.98 35.61
C PHE A 122 4.13 22.50 36.96
N PRO A 123 3.53 22.94 38.06
CA PRO A 123 3.92 22.43 39.38
C PRO A 123 3.49 20.98 39.56
N PRO A 124 4.11 20.26 40.49
CA PRO A 124 3.69 18.87 40.73
C PRO A 124 2.25 18.79 41.21
N SER A 125 1.55 17.78 40.74
CA SER A 125 0.18 17.55 41.17
C SER A 125 0.15 17.15 42.65
N ASP A 126 -0.95 17.51 43.32
CA ASP A 126 -1.18 17.01 44.67
C ASP A 126 -1.32 15.49 44.67
N GLU A 127 -1.86 14.92 43.58
CA GLU A 127 -1.91 13.47 43.44
C GLU A 127 -0.52 12.87 43.57
N GLN A 128 0.45 13.42 42.83
CA GLN A 128 1.80 12.88 42.83
C GLN A 128 2.49 13.11 44.17
N LEU A 129 2.21 14.24 44.81
CA LEU A 129 2.94 14.62 46.02
C LEU A 129 2.70 13.67 47.19
N LYS A 130 1.62 12.87 47.16
CA LYS A 130 1.42 11.89 48.21
C LYS A 130 2.35 10.69 48.08
N SER A 131 3.12 10.59 47.00
CA SER A 131 4.02 9.48 46.77
C SER A 131 5.44 9.75 47.21
N GLY A 132 5.72 10.96 47.73
CA GLY A 132 7.04 11.31 48.17
C GLY A 132 7.93 11.95 47.13
N THR A 133 7.51 11.98 45.87
CA THR A 133 8.29 12.58 44.80
C THR A 133 7.52 13.76 44.20
N ALA A 134 8.26 14.73 43.71
CA ALA A 134 7.71 15.92 43.06
C ALA A 134 8.37 16.07 41.70
N SER A 135 7.55 16.30 40.67
CA SER A 135 8.04 16.45 39.30
C SER A 135 7.52 17.76 38.74
N VAL A 136 8.42 18.72 38.55
CA VAL A 136 8.09 19.99 37.90
C VAL A 136 8.50 19.89 36.44
N VAL A 137 7.63 20.35 35.55
CA VAL A 137 7.83 20.23 34.11
C VAL A 137 7.82 21.62 33.50
N CYS A 138 8.76 21.89 32.60
CA CYS A 138 8.78 23.10 31.80
C CYS A 138 8.53 22.72 30.34
N LEU A 139 7.65 23.45 29.68
CA LEU A 139 7.27 23.15 28.31
C LEU A 139 7.84 24.20 27.37
N LEU A 140 8.51 23.73 26.32
CA LEU A 140 8.98 24.58 25.22
C LEU A 140 8.18 24.24 23.98
N ASN A 141 7.67 25.27 23.30
CA ASN A 141 6.59 25.08 22.33
C ASN A 141 6.90 25.76 21.01
N ASN A 142 7.04 24.94 19.96
CA ASN A 142 6.97 25.41 18.57
C ASN A 142 8.05 26.43 18.24
N PHE A 143 9.30 26.05 18.49
CA PHE A 143 10.43 26.91 18.20
C PHE A 143 11.30 26.32 17.11
N TYR A 144 12.12 27.18 16.52
CA TYR A 144 13.14 26.78 15.56
C TYR A 144 14.23 27.85 15.56
N PRO A 145 15.50 27.44 15.50
CA PRO A 145 16.01 26.06 15.38
C PRO A 145 15.91 25.22 16.65
N ARG A 146 16.49 24.03 16.57
CA ARG A 146 16.43 23.06 17.67
C ARG A 146 17.23 23.52 18.88
N GLU A 147 18.31 24.26 18.66
CA GLU A 147 19.20 24.66 19.75
C GLU A 147 18.47 25.52 20.76
N ALA A 148 18.46 25.08 22.02
CA ALA A 148 17.80 25.79 23.09
C ALA A 148 18.32 25.25 24.42
N LYS A 149 18.33 26.13 25.43
CA LYS A 149 18.83 25.79 26.76
C LYS A 149 17.82 26.21 27.81
N VAL A 150 17.47 25.28 28.70
CA VAL A 150 16.61 25.56 29.84
C VAL A 150 17.46 25.48 31.10
N GLN A 151 17.19 26.37 32.05
CA GLN A 151 17.94 26.44 33.29
C GLN A 151 16.95 26.44 34.45
N TRP A 152 16.85 25.32 35.15
CA TRP A 152 15.98 25.23 36.32
C TRP A 152 16.57 26.01 37.47
N LYS A 153 15.72 26.76 38.18
CA LYS A 153 16.13 27.55 39.33
C LYS A 153 15.11 27.36 40.44
N VAL A 154 15.59 26.90 41.60
CA VAL A 154 14.77 26.69 42.78
C VAL A 154 15.25 27.65 43.85
N ASP A 155 14.38 28.60 44.23
CA ASP A 155 14.74 29.69 45.15
C ASP A 155 16.00 30.39 44.66
N ASN A 156 16.02 30.71 43.36
CA ASN A 156 17.12 31.44 42.73
C ASN A 156 18.45 30.70 42.88
N ALA A 157 18.41 29.38 42.79
CA ALA A 157 19.59 28.53 42.80
C ALA A 157 19.61 27.71 41.52
N LEU A 158 20.63 27.92 40.69
CA LEU A 158 20.75 27.22 39.42
C LEU A 158 20.84 25.71 39.63
N GLN A 159 19.83 24.97 39.19
CA GLN A 159 19.83 23.53 39.27
C GLN A 159 20.58 22.95 38.08
N SER A 160 21.46 21.98 38.34
CA SER A 160 22.21 21.32 37.29
C SER A 160 22.37 19.85 37.63
N GLY A 161 22.00 18.98 36.69
CA GLY A 161 22.20 17.56 36.84
C GLY A 161 21.05 16.78 37.42
N ASN A 162 19.95 17.45 37.78
CA ASN A 162 18.79 16.78 38.35
C ASN A 162 17.57 16.77 37.43
N SER A 163 17.61 17.50 36.32
CA SER A 163 16.51 17.52 35.38
C SER A 163 16.78 16.54 34.24
N GLN A 164 15.87 16.53 33.27
CA GLN A 164 15.90 15.59 32.17
C GLN A 164 14.98 16.09 31.06
N GLU A 165 15.52 16.34 29.88
CA GLU A 165 14.71 16.91 28.81
C GLU A 165 14.65 15.97 27.61
N SER A 166 13.89 16.42 26.60
CA SER A 166 13.50 15.60 25.47
C SER A 166 12.83 16.49 24.43
N VAL A 167 13.20 16.33 23.15
CA VAL A 167 12.67 17.16 22.08
C VAL A 167 11.89 16.29 21.12
N THR A 168 10.89 16.88 20.46
CA THR A 168 10.12 16.19 19.45
C THR A 168 10.85 16.21 18.11
N GLU A 169 10.53 15.24 17.26
CA GLU A 169 10.96 15.30 15.88
C GLU A 169 10.33 16.50 15.20
N GLN A 170 10.99 16.98 14.15
CA GLN A 170 10.55 18.21 13.49
C GLN A 170 9.12 18.07 12.98
N ASP A 171 8.31 19.10 13.23
CA ASP A 171 6.91 19.05 12.86
C ASP A 171 6.74 19.08 11.35
N SER A 172 5.83 18.25 10.84
CA SER A 172 5.61 18.18 9.41
C SER A 172 5.01 19.47 8.84
N LYS A 173 4.27 20.21 9.66
CA LYS A 173 3.52 21.36 9.16
C LYS A 173 4.28 22.68 9.30
N ASP A 174 4.73 23.02 10.51
CA ASP A 174 5.42 24.29 10.72
C ASP A 174 6.94 24.16 10.83
N SER A 175 7.46 22.93 10.79
CA SER A 175 8.91 22.68 10.84
C SER A 175 9.53 23.29 12.10
N THR A 176 8.93 23.01 13.24
CA THR A 176 9.40 23.50 14.53
C THR A 176 9.73 22.33 15.44
N TYR A 177 10.13 22.65 16.67
CA TYR A 177 10.48 21.66 17.68
C TYR A 177 9.79 22.02 18.98
N SER A 178 9.79 21.05 19.89
CA SER A 178 9.19 21.26 21.22
C SER A 178 9.95 20.41 22.23
N LEU A 179 10.30 21.02 23.35
CA LEU A 179 11.12 20.40 24.38
C LEU A 179 10.34 20.31 25.68
N SER A 180 10.52 19.21 26.39
CA SER A 180 9.91 18.99 27.70
C SER A 180 11.02 18.62 28.68
N SER A 181 11.17 19.44 29.72
CA SER A 181 12.19 19.23 30.74
C SER A 181 11.50 18.97 32.08
N THR A 182 11.97 17.95 32.79
CA THR A 182 11.34 17.48 34.03
C THR A 182 12.34 17.57 35.17
N LEU A 183 12.21 18.60 36.00
CA LEU A 183 12.97 18.68 37.24
C LEU A 183 12.32 17.78 38.29
N THR A 184 13.11 16.91 38.90
CA THR A 184 12.62 15.98 39.89
C THR A 184 13.22 16.30 41.26
N LEU A 185 12.42 16.07 42.29
CA LEU A 185 12.75 16.49 43.64
C LEU A 185 11.93 15.63 44.60
N SER A 186 12.41 15.51 45.83
CA SER A 186 11.68 14.78 46.84
C SER A 186 10.59 15.67 47.42
N LYS A 187 9.52 15.03 47.92
CA LYS A 187 8.44 15.78 48.57
C LYS A 187 8.99 16.62 49.72
N ALA A 188 9.99 16.10 50.44
CA ALA A 188 10.60 16.86 51.53
C ALA A 188 11.34 18.08 51.00
N ASP A 189 12.18 17.89 49.98
CA ASP A 189 12.98 19.00 49.48
C ASP A 189 12.18 19.93 48.57
N TYR A 190 11.11 19.44 47.94
CA TYR A 190 10.20 20.34 47.25
C TYR A 190 9.60 21.35 48.22
N GLU A 191 9.33 20.92 49.46
CA GLU A 191 8.64 21.76 50.43
C GLU A 191 9.57 22.70 51.20
N LYS A 192 10.88 22.61 50.99
CA LYS A 192 11.81 23.55 51.63
C LYS A 192 11.98 24.84 50.86
N HIS A 193 11.42 24.93 49.65
CA HIS A 193 11.67 26.06 48.76
C HIS A 193 10.35 26.57 48.20
N LYS A 194 10.34 27.84 47.79
CA LYS A 194 9.12 28.49 47.35
C LYS A 194 9.09 28.79 45.86
N VAL A 195 10.15 29.36 45.30
CA VAL A 195 10.15 29.85 43.93
C VAL A 195 10.78 28.79 43.03
N TYR A 196 10.01 28.34 42.04
CA TYR A 196 10.49 27.42 41.00
C TYR A 196 10.33 28.11 39.66
N ALA A 197 11.45 28.44 39.03
CA ALA A 197 11.46 29.15 37.76
C ALA A 197 12.08 28.28 36.68
N CYS A 198 11.81 28.67 35.43
CA CYS A 198 12.33 27.96 34.26
C CYS A 198 12.85 29.00 33.28
N GLU A 199 14.17 29.14 33.19
CA GLU A 199 14.81 30.15 32.34
C GLU A 199 15.15 29.53 31.00
N VAL A 200 14.43 29.92 29.96
CA VAL A 200 14.62 29.40 28.62
C VAL A 200 15.48 30.36 27.82
N THR A 201 16.42 29.82 27.04
CA THR A 201 17.31 30.61 26.20
C THR A 201 17.19 30.11 24.78
N HIS A 202 16.82 31.00 23.86
CA HIS A 202 16.65 30.65 22.46
C HIS A 202 16.91 31.88 21.60
N GLN A 203 17.51 31.66 20.43
CA GLN A 203 17.87 32.76 19.54
C GLN A 203 16.65 33.48 18.96
N GLY A 204 15.44 32.97 19.18
CA GLY A 204 14.24 33.69 18.81
C GLY A 204 13.80 34.74 19.80
N LEU A 205 14.44 34.78 20.96
CA LEU A 205 14.12 35.72 22.02
C LEU A 205 15.16 36.84 22.08
N SER A 206 14.72 38.01 22.51
CA SER A 206 15.67 39.08 22.82
C SER A 206 16.50 38.71 24.04
N SER A 207 15.82 38.47 25.16
CA SER A 207 16.42 38.07 26.42
C SER A 207 15.88 36.71 26.82
N PRO A 208 16.57 36.00 27.72
CA PRO A 208 16.04 34.73 28.21
C PRO A 208 14.69 34.89 28.87
N VAL A 209 13.86 33.85 28.74
CA VAL A 209 12.49 33.86 29.24
C VAL A 209 12.43 32.97 30.48
N THR A 210 11.96 33.54 31.59
CA THR A 210 11.79 32.80 32.83
C THR A 210 10.31 32.70 33.14
N LYS A 211 9.85 31.48 33.43
CA LYS A 211 8.47 31.22 33.81
C LYS A 211 8.49 30.53 35.17
N SER A 212 7.94 31.18 36.19
CA SER A 212 8.05 30.72 37.56
C SER A 212 6.67 30.43 38.15
N PHE A 213 6.69 29.83 39.33
CA PHE A 213 5.51 29.66 40.16
C PHE A 213 5.98 29.55 41.60
N ASN A 214 5.06 29.76 42.53
CA ASN A 214 5.35 29.70 43.95
C ASN A 214 4.48 28.65 44.62
N ARG A 215 5.08 27.90 45.55
CA ARG A 215 4.33 26.98 46.39
C ARG A 215 3.24 27.72 47.15
N GLY A 216 1.99 27.51 46.78
CA GLY A 216 0.87 28.22 47.39
C GLY A 216 0.58 29.55 46.73
N LEU B 1 7.38 -7.65 5.73
CA LEU B 1 7.45 -8.95 6.39
C LEU B 1 6.92 -8.86 7.82
N VAL B 2 6.57 -10.01 8.39
CA VAL B 2 5.87 -10.09 9.67
C VAL B 2 6.85 -10.65 10.70
N GLN B 3 7.42 -9.76 11.51
CA GLN B 3 8.33 -10.18 12.57
C GLN B 3 7.55 -10.46 13.86
N SER B 4 8.24 -11.10 14.80
CA SER B 4 7.65 -11.32 16.11
C SER B 4 7.64 -10.01 16.93
N GLY B 5 7.02 -10.08 18.11
CA GLY B 5 6.77 -8.89 18.89
C GLY B 5 7.88 -8.57 19.87
N ALA B 6 7.74 -7.42 20.53
CA ALA B 6 8.74 -6.92 21.46
C ALA B 6 9.01 -7.92 22.57
N GLU B 7 10.27 -8.01 22.97
CA GLU B 7 10.70 -8.94 24.02
C GLU B 7 11.53 -8.18 25.05
N VAL B 8 11.47 -8.65 26.29
CA VAL B 8 12.22 -8.07 27.39
C VAL B 8 13.09 -9.17 28.00
N LYS B 9 14.36 -8.86 28.21
CA LYS B 9 15.33 -9.85 28.64
C LYS B 9 16.30 -9.26 29.65
N LYS B 10 16.69 -10.07 30.61
CA LYS B 10 17.68 -9.73 31.64
C LYS B 10 19.09 -9.80 31.06
N PRO B 11 19.99 -8.92 31.51
CA PRO B 11 21.34 -8.87 30.93
C PRO B 11 22.07 -10.20 31.07
N GLY B 12 22.43 -10.79 29.94
CA GLY B 12 23.12 -12.06 29.90
C GLY B 12 22.27 -13.23 29.44
N SER B 13 21.02 -13.01 29.07
CA SER B 13 20.14 -14.07 28.58
C SER B 13 20.26 -14.15 27.06
N SER B 14 19.25 -14.73 26.40
CA SER B 14 19.25 -14.85 24.95
C SER B 14 17.89 -14.43 24.40
N VAL B 15 17.89 -13.91 23.18
CA VAL B 15 16.67 -13.56 22.46
C VAL B 15 16.64 -14.34 21.16
N LYS B 16 15.45 -14.84 20.80
CA LYS B 16 15.20 -15.41 19.50
C LYS B 16 14.06 -14.63 18.87
N VAL B 17 14.27 -14.12 17.66
CA VAL B 17 13.34 -13.24 16.97
C VAL B 17 12.95 -13.88 15.64
N SER B 18 11.68 -13.74 15.27
CA SER B 18 11.13 -14.41 14.10
C SER B 18 10.90 -13.43 12.95
N CYS B 19 10.87 -13.98 11.74
CA CYS B 19 10.57 -13.25 10.52
C CYS B 19 9.89 -14.21 9.55
N LYS B 20 8.88 -13.72 8.85
CA LYS B 20 8.11 -14.53 7.92
C LYS B 20 8.01 -13.84 6.58
N ALA B 21 8.07 -14.62 5.51
CA ALA B 21 8.09 -14.10 4.14
C ALA B 21 6.76 -14.36 3.45
N SER B 22 6.46 -13.51 2.47
CA SER B 22 5.24 -13.65 1.67
C SER B 22 5.50 -14.68 0.57
N GLY B 23 4.86 -15.83 0.69
CA GLY B 23 5.08 -16.92 -0.24
C GLY B 23 6.51 -17.44 -0.16
N ASN B 24 7.23 -17.39 -1.29
CA ASN B 24 8.64 -17.75 -1.28
C ASN B 24 9.51 -16.53 -1.57
N THR B 25 9.37 -15.50 -0.74
CA THR B 25 10.28 -14.36 -0.79
C THR B 25 11.65 -14.71 -0.23
N PHE B 26 11.75 -15.76 0.59
CA PHE B 26 13.00 -16.13 1.23
C PHE B 26 13.92 -16.95 0.35
N ARG B 27 13.47 -17.38 -0.83
CA ARG B 27 14.36 -18.05 -1.78
C ARG B 27 14.61 -17.22 -3.03
N LYS B 28 13.82 -16.18 -3.28
CA LYS B 28 14.21 -15.14 -4.22
C LYS B 28 15.08 -14.07 -3.57
N TYR B 29 15.19 -14.08 -2.23
CA TYR B 29 15.95 -13.07 -1.50
C TYR B 29 16.75 -13.73 -0.38
N ASP B 30 17.88 -13.10 -0.05
CA ASP B 30 18.61 -13.46 1.15
C ASP B 30 18.01 -12.75 2.36
N VAL B 31 18.32 -13.26 3.55
CA VAL B 31 17.72 -12.79 4.79
C VAL B 31 18.79 -12.12 5.63
N HIS B 32 18.57 -10.86 5.99
CA HIS B 32 19.50 -10.08 6.79
C HIS B 32 18.85 -9.64 8.09
N TRP B 33 19.65 -9.01 8.94
CA TRP B 33 19.18 -8.44 10.20
C TRP B 33 19.93 -7.14 10.46
N VAL B 34 19.18 -6.04 10.56
CA VAL B 34 19.74 -4.73 10.87
C VAL B 34 19.09 -4.24 12.16
N ARG B 35 19.86 -3.54 12.98
CA ARG B 35 19.35 -3.01 14.24
C ARG B 35 19.65 -1.53 14.33
N GLN B 36 19.05 -0.89 15.34
CA GLN B 36 19.27 0.53 15.59
C GLN B 36 18.97 0.79 17.06
N ALA B 37 20.01 1.13 17.83
CA ALA B 37 19.84 1.39 19.26
C ALA B 37 19.28 2.78 19.50
N THR B 38 19.51 3.32 20.69
CA THR B 38 18.90 4.59 21.08
C THR B 38 19.61 5.76 20.42
N GLY B 39 20.87 5.99 20.78
CA GLY B 39 21.67 7.01 20.14
C GLY B 39 22.40 6.55 18.91
N GLN B 40 22.10 5.35 18.43
CA GLN B 40 22.81 4.70 17.35
C GLN B 40 22.13 4.93 16.01
N GLY B 41 22.82 4.52 14.95
CA GLY B 41 22.25 4.48 13.63
C GLY B 41 21.97 3.05 13.19
N LEU B 42 21.71 2.92 11.89
CA LEU B 42 21.55 1.60 11.30
C LEU B 42 22.85 0.82 11.41
N GLU B 43 22.76 -0.44 11.83
CA GLU B 43 23.94 -1.28 12.02
C GLU B 43 23.62 -2.68 11.53
N TRP B 44 24.27 -3.09 10.45
CA TRP B 44 24.15 -4.47 9.98
C TRP B 44 24.62 -5.42 11.07
N VAL B 45 23.89 -6.52 11.23
CA VAL B 45 24.16 -7.52 12.26
C VAL B 45 24.69 -8.82 11.64
N GLY B 46 23.96 -9.36 10.68
CA GLY B 46 24.37 -10.61 10.05
C GLY B 46 23.44 -10.94 8.91
N TRP B 47 23.68 -12.10 8.31
CA TRP B 47 22.88 -12.50 7.17
C TRP B 47 22.96 -14.01 7.00
N MET B 48 22.17 -14.51 6.06
CA MET B 48 22.08 -15.93 5.75
C MET B 48 21.48 -16.06 4.37
N SER B 49 22.12 -16.86 3.52
CA SER B 49 21.81 -16.88 2.09
C SER B 49 20.64 -17.80 1.79
N HIS B 50 19.82 -17.40 0.82
CA HIS B 50 18.67 -18.21 0.43
C HIS B 50 19.11 -19.55 -0.14
N GLU B 51 20.24 -19.58 -0.86
CA GLU B 51 20.81 -20.84 -1.30
C GLU B 51 21.16 -21.72 -0.11
N GLY B 52 21.44 -21.11 1.04
CA GLY B 52 21.67 -21.83 2.27
C GLY B 52 23.10 -22.18 2.58
N ASP B 53 24.07 -21.64 1.85
CA ASP B 53 25.46 -22.06 1.96
C ASP B 53 26.35 -21.06 2.68
N LYS B 54 25.82 -19.93 3.13
CA LYS B 54 26.62 -18.94 3.84
C LYS B 54 25.83 -18.32 4.98
N THR B 55 26.45 -18.26 6.16
CA THR B 55 25.90 -17.56 7.31
C THR B 55 27.03 -16.79 7.97
N GLU B 56 26.90 -15.47 8.00
CA GLU B 56 27.95 -14.60 8.55
C GLU B 56 27.32 -13.51 9.40
N SER B 57 28.11 -12.99 10.31
CA SER B 57 27.69 -11.92 11.21
C SER B 57 28.66 -10.74 11.11
N ALA B 58 28.27 -9.64 11.73
CA ALA B 58 29.22 -8.58 11.96
C ALA B 58 30.24 -9.03 13.01
N GLN B 59 31.33 -8.27 13.11
CA GLN B 59 32.43 -8.67 13.99
C GLN B 59 32.00 -8.71 15.44
N ARG B 60 31.29 -7.67 15.90
CA ARG B 60 30.87 -7.59 17.29
C ARG B 60 30.04 -8.79 17.72
N PHE B 61 29.35 -9.43 16.78
CA PHE B 61 28.42 -10.51 17.09
C PHE B 61 29.03 -11.90 16.95
N LYS B 62 30.26 -12.01 16.45
CA LYS B 62 30.90 -13.31 16.30
C LYS B 62 31.05 -13.98 17.65
N GLY B 63 30.45 -15.17 17.78
CA GLY B 63 30.42 -15.89 19.04
C GLY B 63 29.12 -15.74 19.82
N ARG B 64 28.27 -14.80 19.43
CA ARG B 64 27.01 -14.56 20.13
C ARG B 64 25.78 -14.92 19.32
N VAL B 65 25.81 -14.72 18.01
CA VAL B 65 24.62 -14.91 17.18
C VAL B 65 24.56 -16.34 16.65
N SER B 66 23.38 -16.72 16.20
CA SER B 66 23.17 -17.93 15.41
C SER B 66 21.96 -17.70 14.54
N PHE B 67 22.14 -17.79 13.23
CA PHE B 67 21.09 -17.50 12.26
C PHE B 67 20.61 -18.82 11.67
N THR B 68 19.37 -19.19 11.99
CA THR B 68 18.74 -20.38 11.44
C THR B 68 17.45 -20.00 10.73
N ARG B 69 16.96 -20.92 9.91
CA ARG B 69 15.68 -20.77 9.25
C ARG B 69 14.87 -22.03 9.43
N ASP B 70 13.55 -21.89 9.41
CA ASP B 70 12.68 -23.05 9.33
C ASP B 70 12.86 -23.71 7.96
N ASN B 71 13.13 -25.01 7.96
CA ASN B 71 13.38 -25.70 6.70
C ASN B 71 12.10 -26.10 5.98
N SER B 72 10.94 -25.64 6.47
CA SER B 72 9.80 -25.43 5.58
C SER B 72 10.02 -24.23 4.68
N ALA B 73 11.17 -23.56 4.82
CA ALA B 73 11.62 -22.38 4.10
C ALA B 73 10.90 -21.10 4.53
N SER B 74 9.98 -21.20 5.49
CA SER B 74 9.06 -20.09 5.72
C SER B 74 9.62 -19.06 6.70
N THR B 75 10.23 -19.50 7.80
CA THR B 75 10.52 -18.62 8.93
C THR B 75 12.02 -18.50 9.13
N ALA B 76 12.49 -17.26 9.35
CA ALA B 76 13.86 -16.98 9.75
C ALA B 76 13.92 -16.71 11.25
N TYR B 77 15.06 -17.02 11.85
CA TYR B 77 15.26 -16.87 13.29
C TYR B 77 16.67 -16.38 13.58
N ILE B 78 16.77 -15.31 14.36
CA ILE B 78 18.05 -14.84 14.88
C ILE B 78 18.09 -15.10 16.37
N GLU B 79 19.28 -15.43 16.88
CA GLU B 79 19.50 -15.69 18.29
C GLU B 79 20.74 -14.93 18.74
N LEU B 80 20.58 -14.04 19.72
CA LEU B 80 21.66 -13.21 20.22
C LEU B 80 21.87 -13.46 21.71
N ARG B 81 23.13 -13.43 22.14
CA ARG B 81 23.50 -13.83 23.48
C ARG B 81 24.51 -12.84 24.06
N GLY B 82 24.98 -13.12 25.27
CA GLY B 82 25.85 -12.19 25.97
C GLY B 82 25.24 -10.83 26.13
N LEU B 83 23.94 -10.78 26.39
CA LEU B 83 23.15 -9.57 26.17
C LEU B 83 23.60 -8.42 27.05
N THR B 84 24.01 -7.34 26.40
CA THR B 84 24.27 -6.06 27.06
C THR B 84 23.04 -5.17 26.95
N SER B 85 23.04 -4.09 27.73
CA SER B 85 22.11 -3.00 27.47
C SER B 85 22.41 -2.33 26.14
N ASP B 86 23.64 -2.45 25.63
CA ASP B 86 23.93 -1.97 24.29
C ASP B 86 23.16 -2.75 23.24
N ASP B 87 22.82 -4.01 23.52
CA ASP B 87 22.03 -4.81 22.60
C ASP B 87 20.54 -4.54 22.80
N THR B 88 20.19 -3.31 23.15
CA THR B 88 18.80 -2.87 23.23
C THR B 88 18.52 -2.03 21.98
N ALA B 89 17.71 -2.57 21.07
CA ALA B 89 17.49 -1.93 19.79
C ALA B 89 16.26 -2.53 19.12
N ILE B 90 15.81 -1.87 18.07
CA ILE B 90 14.83 -2.42 17.16
C ILE B 90 15.56 -3.31 16.16
N TYR B 91 15.10 -4.55 16.01
CA TYR B 91 15.76 -5.53 15.15
C TYR B 91 14.90 -5.75 13.91
N TYR B 92 15.46 -5.45 12.74
CA TYR B 92 14.77 -5.54 11.46
C TYR B 92 15.29 -6.72 10.66
N CYS B 93 14.40 -7.64 10.29
CA CYS B 93 14.72 -8.60 9.24
C CYS B 93 14.38 -7.97 7.90
N THR B 94 15.09 -8.40 6.85
CA THR B 94 14.89 -7.81 5.54
C THR B 94 15.42 -8.75 4.48
N GLY B 95 14.94 -8.54 3.25
CA GLY B 95 15.47 -9.23 2.11
C GLY B 95 16.76 -8.59 1.61
N GLY B 96 17.40 -9.27 0.68
CA GLY B 96 18.65 -8.77 0.12
C GLY B 96 18.87 -9.30 -1.29
N SER B 97 19.64 -8.54 -2.05
CA SER B 97 20.10 -8.94 -3.38
C SER B 97 21.61 -9.05 -3.33
N LYS B 98 22.12 -10.27 -3.52
CA LYS B 98 23.55 -10.49 -3.57
C LYS B 98 23.95 -10.89 -4.99
N HIS B 99 25.18 -10.54 -5.36
CA HIS B 99 25.78 -10.96 -6.61
C HIS B 99 26.86 -12.00 -6.27
N ARG B 100 26.58 -13.27 -6.56
CA ARG B 100 27.56 -14.32 -6.42
C ARG B 100 28.43 -14.33 -7.67
N LEU B 101 29.69 -13.91 -7.51
CA LEU B 101 30.60 -13.71 -8.61
C LEU B 101 31.83 -14.59 -8.45
N ARG B 102 32.39 -15.02 -9.58
CA ARG B 102 33.69 -15.68 -9.56
C ARG B 102 34.77 -14.63 -9.80
N ASP B 103 35.70 -14.51 -8.86
CA ASP B 103 36.79 -13.56 -8.96
C ASP B 103 38.10 -14.19 -9.40
N TYR B 104 38.30 -15.46 -9.09
CA TYR B 104 39.52 -16.17 -9.44
C TYR B 104 39.16 -17.52 -10.05
N VAL B 105 39.90 -17.90 -11.09
CA VAL B 105 39.77 -19.23 -11.67
C VAL B 105 41.13 -19.66 -12.21
N LEU B 106 41.39 -20.95 -12.15
CA LEU B 106 42.61 -21.51 -12.71
C LEU B 106 42.36 -22.90 -13.27
N ASP B 108 43.54 -26.48 -15.24
CA ASP B 108 44.72 -27.35 -15.35
C ASP B 108 45.00 -27.72 -16.80
N ASP B 109 46.03 -28.55 -17.00
CA ASP B 109 46.41 -28.94 -18.37
C ASP B 109 45.26 -29.63 -19.10
N TYR B 110 44.32 -30.20 -18.36
CA TYR B 110 43.22 -30.93 -18.98
C TYR B 110 42.02 -30.05 -19.30
N GLY B 111 42.12 -28.73 -19.07
CA GLY B 111 41.00 -27.85 -19.24
C GLY B 111 40.03 -27.78 -18.08
N LEU B 112 40.15 -28.69 -17.11
CA LEU B 112 39.31 -28.65 -15.92
C LEU B 112 39.68 -27.44 -15.06
N ILE B 113 38.77 -27.10 -14.15
CA ILE B 113 39.04 -26.04 -13.18
C ILE B 113 39.83 -26.64 -12.02
N ASN B 114 41.06 -26.14 -11.83
CA ASN B 114 41.90 -26.56 -10.72
C ASN B 114 41.65 -25.72 -9.47
N GLN B 115 41.50 -24.41 -9.65
CA GLN B 115 41.26 -23.47 -8.56
C GLN B 115 40.17 -22.49 -8.96
N GLN B 116 39.32 -22.14 -8.00
CA GLN B 116 38.31 -21.11 -8.23
C GLN B 116 37.89 -20.55 -6.89
N GLU B 117 37.30 -19.35 -6.93
CA GLU B 117 36.79 -18.71 -5.73
C GLU B 117 35.59 -17.87 -6.10
N TRP B 118 34.47 -18.12 -5.42
CA TRP B 118 33.24 -17.37 -5.61
C TRP B 118 32.96 -16.51 -4.38
N ASN B 119 32.53 -15.28 -4.61
CA ASN B 119 32.29 -14.33 -3.54
C ASN B 119 30.94 -13.65 -3.71
N ASP B 120 30.29 -13.38 -2.58
CA ASP B 120 29.00 -12.70 -2.55
C ASP B 120 29.21 -11.21 -2.30
N TYR B 121 28.47 -10.39 -3.03
CA TYR B 121 28.54 -8.93 -2.92
C TYR B 121 27.13 -8.38 -2.74
N LEU B 122 26.96 -7.51 -1.74
CA LEU B 122 25.64 -7.02 -1.38
C LEU B 122 25.25 -5.85 -2.27
N GLU B 123 24.18 -6.03 -3.03
CA GLU B 123 23.68 -5.01 -3.95
C GLU B 123 22.72 -4.05 -3.26
N PHE B 124 21.71 -4.59 -2.57
CA PHE B 124 20.81 -3.76 -1.78
C PHE B 124 20.07 -4.63 -0.77
N LEU B 125 19.57 -3.99 0.27
CA LEU B 125 18.58 -4.57 1.17
C LEU B 125 17.22 -3.95 0.84
N ASP B 126 16.21 -4.79 0.66
CA ASP B 126 14.86 -4.32 0.39
C ASP B 126 13.86 -5.21 1.10
N VAL B 127 12.58 -4.95 0.85
CA VAL B 127 11.44 -5.48 1.61
C VAL B 127 11.79 -5.68 3.08
N TRP B 128 11.67 -4.60 3.86
CA TRP B 128 11.97 -4.60 5.28
C TRP B 128 10.74 -5.02 6.10
N GLY B 129 10.99 -5.40 7.35
CA GLY B 129 9.94 -5.66 8.31
C GLY B 129 9.68 -4.45 9.20
N HIS B 130 8.87 -4.70 10.24
CA HIS B 130 8.43 -3.64 11.14
C HIS B 130 9.33 -3.48 12.36
N GLY B 131 10.36 -4.31 12.51
CA GLY B 131 11.27 -4.17 13.62
C GLY B 131 10.75 -4.76 14.92
N THR B 132 11.55 -5.61 15.55
CA THR B 132 11.21 -6.24 16.82
C THR B 132 12.11 -5.62 17.90
N ALA B 133 11.54 -4.71 18.67
CA ALA B 133 12.30 -4.03 19.71
C ALA B 133 12.63 -4.98 20.85
N VAL B 134 13.90 -4.99 21.27
CA VAL B 134 14.36 -5.79 22.39
C VAL B 134 14.88 -4.83 23.46
N THR B 135 14.38 -5.00 24.69
CA THR B 135 14.80 -4.18 25.82
C THR B 135 15.54 -5.07 26.81
N VAL B 136 16.83 -4.79 26.98
CA VAL B 136 17.68 -5.52 27.92
C VAL B 136 17.77 -4.67 29.19
N SER B 137 17.19 -5.16 30.28
CA SER B 137 17.08 -4.36 31.49
C SER B 137 16.91 -5.29 32.69
N SER B 138 17.00 -4.70 33.88
CA SER B 138 16.78 -5.41 35.13
C SER B 138 15.36 -5.26 35.66
N ALA B 139 14.67 -4.19 35.29
CA ALA B 139 13.34 -3.91 35.81
C ALA B 139 12.34 -4.95 35.32
N SER B 140 11.17 -4.93 35.96
CA SER B 140 10.04 -5.78 35.58
C SER B 140 8.91 -4.92 35.07
N THR B 141 7.85 -5.57 34.59
CA THR B 141 6.70 -4.85 34.05
C THR B 141 6.10 -3.94 35.09
N LYS B 142 5.68 -2.74 34.66
CA LYS B 142 5.20 -1.74 35.60
C LYS B 142 4.19 -0.85 34.90
N GLY B 143 2.96 -0.84 35.41
CA GLY B 143 1.96 0.09 34.96
C GLY B 143 2.30 1.51 35.36
N PRO B 144 2.11 2.46 34.45
CA PRO B 144 2.47 3.84 34.74
C PRO B 144 1.46 4.51 35.67
N SER B 145 1.91 5.60 36.27
CA SER B 145 1.04 6.49 37.04
C SER B 145 0.89 7.79 36.25
N VAL B 146 -0.36 8.22 36.08
CA VAL B 146 -0.69 9.37 35.26
C VAL B 146 -1.01 10.56 36.15
N PHE B 147 -0.33 11.67 35.93
CA PHE B 147 -0.51 12.87 36.73
C PHE B 147 -0.95 14.04 35.86
N PRO B 148 -1.76 14.95 36.40
CA PRO B 148 -2.22 16.09 35.60
C PRO B 148 -1.19 17.21 35.57
N LEU B 149 -1.04 17.81 34.39
CA LEU B 149 -0.29 19.04 34.22
C LEU B 149 -1.29 20.17 34.04
N ALA B 150 -1.26 21.14 34.95
CA ALA B 150 -2.24 22.21 34.95
C ALA B 150 -1.57 23.53 35.30
N PRO B 151 -2.04 24.65 34.71
CA PRO B 151 -1.53 26.00 34.98
C PRO B 151 -1.59 26.36 36.47
N THR B 160 -4.77 31.99 26.16
CA THR B 160 -3.98 30.93 25.55
C THR B 160 -3.15 30.19 26.59
N ALA B 161 -3.41 28.90 26.75
CA ALA B 161 -2.86 28.12 27.85
C ALA B 161 -2.30 26.80 27.32
N ALA B 162 -1.72 26.03 28.24
CA ALA B 162 -1.22 24.69 27.95
C ALA B 162 -1.56 23.78 29.12
N LEU B 163 -1.69 22.49 28.81
CA LEU B 163 -2.05 21.48 29.81
C LEU B 163 -1.80 20.11 29.21
N GLY B 164 -1.65 19.13 30.08
CA GLY B 164 -1.38 17.79 29.62
C GLY B 164 -1.36 16.77 30.73
N CYS B 165 -0.71 15.64 30.43
CA CYS B 165 -0.63 14.51 31.35
C CYS B 165 0.81 14.06 31.47
N LEU B 166 1.15 13.51 32.64
CA LEU B 166 2.50 13.01 32.91
C LEU B 166 2.42 11.52 33.19
N VAL B 167 3.06 10.72 32.34
CA VAL B 167 3.04 9.28 32.43
C VAL B 167 4.35 8.84 33.10
N LYS B 168 4.26 8.42 34.36
CA LYS B 168 5.42 8.28 35.23
C LYS B 168 5.69 6.83 35.58
N ASP B 169 6.97 6.44 35.50
CA ASP B 169 7.48 5.17 36.01
C ASP B 169 6.71 3.98 35.43
N TYR B 170 6.98 3.71 34.16
CA TYR B 170 6.45 2.51 33.51
C TYR B 170 7.58 1.71 32.89
N PHE B 171 7.28 0.45 32.61
CA PHE B 171 8.23 -0.46 31.96
C PHE B 171 7.49 -1.67 31.40
N PRO B 172 7.83 -2.07 30.16
CA PRO B 172 8.76 -1.34 29.28
C PRO B 172 8.06 -0.31 28.42
N GLU B 173 8.70 0.08 27.34
CA GLU B 173 8.03 0.85 26.30
C GLU B 173 7.29 -0.15 25.43
N PRO B 174 6.26 0.30 24.67
CA PRO B 174 5.79 1.67 24.48
C PRO B 174 4.56 2.05 25.30
N VAL B 175 4.18 3.31 25.16
CA VAL B 175 2.94 3.86 25.71
C VAL B 175 2.37 4.82 24.67
N THR B 176 1.07 4.70 24.41
CA THR B 176 0.38 5.65 23.55
C THR B 176 -0.46 6.60 24.40
N VAL B 177 -0.61 7.83 23.91
CA VAL B 177 -1.38 8.87 24.58
C VAL B 177 -2.25 9.55 23.53
N SER B 178 -3.52 9.17 23.49
CA SER B 178 -4.51 9.88 22.68
C SER B 178 -5.16 10.98 23.52
N TRP B 179 -5.79 11.93 22.84
CA TRP B 179 -6.49 13.02 23.49
C TRP B 179 -7.91 13.09 22.99
N ASN B 180 -8.87 13.18 23.91
CA ASN B 180 -10.30 13.20 23.60
C ASN B 180 -10.71 11.99 22.76
N SER B 181 -10.06 10.86 23.01
CA SER B 181 -10.30 9.61 22.25
C SER B 181 -10.16 9.84 20.75
N GLY B 182 -9.16 10.64 20.37
CA GLY B 182 -8.86 10.88 18.97
C GLY B 182 -9.50 12.11 18.37
N ALA B 183 -10.41 12.76 19.08
CA ALA B 183 -11.06 13.96 18.54
C ALA B 183 -10.07 15.10 18.38
N LEU B 184 -9.01 15.13 19.18
CA LEU B 184 -8.05 16.22 19.18
C LEU B 184 -6.75 15.74 18.55
N THR B 185 -6.53 16.09 17.28
CA THR B 185 -5.25 15.89 16.62
C THR B 185 -4.56 17.23 16.32
N SER B 186 -4.95 18.28 17.03
CA SER B 186 -4.41 19.62 16.85
C SER B 186 -3.79 20.10 18.16
N GLY B 187 -2.70 20.87 18.03
CA GLY B 187 -2.07 21.50 19.18
C GLY B 187 -1.48 20.54 20.20
N VAL B 188 -1.41 19.25 19.89
CA VAL B 188 -0.89 18.27 20.82
C VAL B 188 0.61 18.13 20.62
N HIS B 189 1.31 17.65 21.65
CA HIS B 189 2.72 17.31 21.55
C HIS B 189 3.02 16.22 22.56
N THR B 190 3.32 15.03 22.06
CA THR B 190 3.75 13.90 22.88
C THR B 190 5.23 13.68 22.67
N PHE B 191 5.99 13.63 23.74
CA PHE B 191 7.44 13.71 23.66
C PHE B 191 8.08 12.34 23.74
N PRO B 192 9.34 12.21 23.33
CA PRO B 192 10.09 11.00 23.61
C PRO B 192 10.18 10.75 25.11
N ALA B 193 10.00 9.49 25.50
CA ALA B 193 10.21 9.13 26.89
C ALA B 193 11.69 9.24 27.25
N VAL B 194 11.95 9.43 28.53
CA VAL B 194 13.32 9.44 29.04
C VAL B 194 13.48 8.24 29.96
N LEU B 195 14.68 7.66 29.94
CA LEU B 195 15.01 6.52 30.79
C LEU B 195 15.60 7.05 32.10
N GLN B 196 14.96 6.71 33.21
CA GLN B 196 15.35 7.23 34.51
C GLN B 196 16.41 6.35 35.15
N SER B 197 16.96 6.83 36.28
CA SER B 197 17.88 6.02 37.07
C SER B 197 17.18 4.82 37.69
N SER B 198 15.87 4.89 37.89
CA SER B 198 15.10 3.75 38.37
C SER B 198 15.10 2.59 37.39
N GLY B 199 15.59 2.80 36.16
CA GLY B 199 15.39 1.85 35.10
C GLY B 199 14.02 1.93 34.46
N LEU B 200 13.19 2.87 34.90
CA LEU B 200 11.84 3.07 34.39
C LEU B 200 11.79 4.32 33.51
N TYR B 201 10.67 4.47 32.81
CA TYR B 201 10.49 5.54 31.85
C TYR B 201 9.47 6.56 32.36
N SER B 202 9.58 7.77 31.84
CA SER B 202 8.61 8.81 32.09
C SER B 202 8.45 9.67 30.85
N LEU B 203 7.21 9.84 30.40
CA LEU B 203 6.88 10.57 29.20
C LEU B 203 5.87 11.66 29.53
N SER B 204 5.87 12.73 28.73
CA SER B 204 4.93 13.83 28.89
C SER B 204 4.17 14.05 27.60
N SER B 205 2.88 14.38 27.73
CA SER B 205 2.03 14.72 26.60
C SER B 205 1.18 15.92 26.98
N VAL B 206 1.16 16.94 26.12
CA VAL B 206 0.46 18.20 26.40
C VAL B 206 -0.32 18.61 25.16
N VAL B 207 -1.22 19.58 25.37
CA VAL B 207 -1.96 20.23 24.28
C VAL B 207 -2.03 21.71 24.60
N THR B 208 -2.03 22.53 23.55
CA THR B 208 -2.07 23.98 23.68
C THR B 208 -3.43 24.47 23.19
N VAL B 209 -4.24 24.97 24.11
CA VAL B 209 -5.60 25.45 23.81
C VAL B 209 -5.71 26.88 24.31
N PRO B 210 -6.72 27.67 23.88
CA PRO B 210 -6.90 29.01 24.45
C PRO B 210 -7.64 28.93 25.78
N SER B 211 -7.25 29.82 26.70
CA SER B 211 -7.81 29.78 28.05
C SER B 211 -9.30 30.08 28.08
N SER B 212 -9.82 30.79 27.07
CA SER B 212 -11.26 31.07 27.01
C SER B 212 -12.09 29.80 26.91
N SER B 213 -11.48 28.68 26.55
CA SER B 213 -12.18 27.41 26.43
C SER B 213 -11.96 26.48 27.63
N LEU B 214 -11.08 26.85 28.56
CA LEU B 214 -10.77 25.98 29.69
C LEU B 214 -12.00 25.66 30.52
N GLY B 215 -12.92 26.62 30.68
CA GLY B 215 -14.14 26.35 31.42
C GLY B 215 -15.19 25.64 30.60
N THR B 216 -15.20 25.85 29.29
CA THR B 216 -16.21 25.28 28.42
C THR B 216 -15.84 23.89 27.90
N GLN B 217 -14.59 23.70 27.51
CA GLN B 217 -14.15 22.52 26.79
C GLN B 217 -13.61 21.45 27.75
N THR B 218 -13.68 20.20 27.29
CA THR B 218 -13.17 19.05 28.02
C THR B 218 -11.88 18.56 27.37
N TYR B 219 -10.95 18.08 28.20
CA TYR B 219 -9.67 17.55 27.72
C TYR B 219 -9.33 16.29 28.51
N ILE B 220 -9.53 15.13 27.88
CA ILE B 220 -9.21 13.85 28.49
C ILE B 220 -8.10 13.21 27.66
N CYS B 221 -6.95 12.96 28.29
CA CYS B 221 -5.89 12.20 27.66
C CYS B 221 -6.12 10.72 27.90
N ASN B 222 -5.88 9.93 26.87
CA ASN B 222 -6.06 8.48 26.92
C ASN B 222 -4.69 7.84 26.92
N VAL B 223 -4.36 7.10 27.99
CA VAL B 223 -3.06 6.47 28.15
C VAL B 223 -3.25 4.96 28.11
N ASN B 224 -2.41 4.28 27.34
CA ASN B 224 -2.47 2.83 27.22
C ASN B 224 -1.06 2.26 27.26
N HIS B 225 -0.76 1.50 28.30
CA HIS B 225 0.50 0.78 28.45
C HIS B 225 0.18 -0.70 28.30
N LYS B 226 0.29 -1.20 27.07
CA LYS B 226 -0.10 -2.59 26.79
C LYS B 226 0.73 -3.64 27.53
N PRO B 227 2.05 -3.47 27.76
CA PRO B 227 2.79 -4.54 28.46
C PRO B 227 2.24 -4.92 29.82
N SER B 228 1.54 -4.01 30.52
CA SER B 228 1.02 -4.31 31.85
C SER B 228 -0.48 -4.10 31.95
N ASN B 229 -1.18 -4.03 30.81
CA ASN B 229 -2.64 -3.94 30.78
C ASN B 229 -3.15 -2.71 31.55
N THR B 230 -2.41 -1.61 31.47
CA THR B 230 -2.74 -0.38 32.18
C THR B 230 -3.28 0.64 31.18
N LYS B 231 -4.59 0.88 31.23
CA LYS B 231 -5.25 1.85 30.37
C LYS B 231 -5.96 2.87 31.26
N VAL B 232 -5.65 4.15 31.07
CA VAL B 232 -6.14 5.21 31.94
C VAL B 232 -6.65 6.35 31.07
N ASP B 233 -7.90 6.76 31.31
CA ASP B 233 -8.47 7.98 30.73
C ASP B 233 -8.49 9.04 31.82
N LYS B 234 -7.55 9.98 31.74
CA LYS B 234 -7.36 11.01 32.75
C LYS B 234 -7.81 12.35 32.21
N LYS B 235 -8.67 13.04 32.97
CA LYS B 235 -9.22 14.33 32.57
C LYS B 235 -8.43 15.44 33.26
N VAL B 236 -8.06 16.46 32.49
CA VAL B 236 -7.16 17.51 32.95
C VAL B 236 -7.94 18.82 33.01
N GLU B 237 -8.02 19.39 34.21
CA GLU B 237 -8.61 20.70 34.45
C GLU B 237 -7.72 21.43 35.43
N PRO B 238 -7.55 22.76 35.27
CA PRO B 238 -6.70 23.56 36.15
C PRO B 238 -7.14 23.53 37.61
N THR C 1 3.16 7.59 -2.77
CA THR C 1 2.48 6.71 -1.83
C THR C 1 1.77 5.57 -2.58
N VAL C 2 2.56 4.56 -2.95
CA VAL C 2 2.08 3.45 -3.78
C VAL C 2 1.65 2.30 -2.90
N VAL C 3 0.51 1.71 -3.22
CA VAL C 3 -0.06 0.59 -2.48
C VAL C 3 -0.07 -0.63 -3.40
N THR C 4 0.36 -1.78 -2.86
CA THR C 4 0.55 -2.99 -3.66
C THR C 4 -0.19 -4.16 -3.03
N GLN C 5 -0.91 -4.92 -3.85
CA GLN C 5 -1.65 -6.08 -3.40
C GLN C 5 -0.85 -7.35 -3.64
N SER C 6 -1.09 -8.36 -2.80
CA SER C 6 -0.43 -9.65 -2.92
C SER C 6 -1.27 -10.73 -2.26
N PRO C 7 -1.41 -11.89 -2.93
CA PRO C 7 -0.84 -12.18 -4.24
C PRO C 7 -1.72 -11.69 -5.38
N LEU C 8 -1.32 -11.97 -6.61
CA LEU C 8 -2.10 -11.55 -7.78
C LEU C 8 -3.34 -12.43 -7.97
N SER C 9 -3.30 -13.67 -7.52
CA SER C 9 -4.42 -14.57 -7.69
C SER C 9 -4.41 -15.63 -6.60
N LEU C 10 -5.61 -16.04 -6.17
CA LEU C 10 -5.80 -17.11 -5.21
C LEU C 10 -6.70 -18.18 -5.80
N SER C 11 -6.37 -19.44 -5.52
CA SER C 11 -7.23 -20.58 -5.84
C SER C 11 -7.42 -21.37 -4.55
N VAL C 12 -8.63 -21.34 -4.01
CA VAL C 12 -8.93 -21.88 -2.69
C VAL C 12 -10.04 -22.91 -2.82
N THR C 13 -9.81 -24.10 -2.25
CA THR C 13 -10.87 -25.08 -2.11
C THR C 13 -11.97 -24.52 -1.21
N PRO C 14 -13.24 -24.77 -1.53
CA PRO C 14 -14.33 -24.24 -0.69
C PRO C 14 -14.26 -24.74 0.74
N GLY C 15 -14.80 -23.94 1.65
CA GLY C 15 -14.74 -24.26 3.06
C GLY C 15 -13.36 -24.12 3.68
N GLU C 16 -12.49 -23.31 3.08
CA GLU C 16 -11.13 -23.12 3.56
C GLU C 16 -10.85 -21.62 3.66
N ALA C 17 -9.66 -21.27 4.14
CA ALA C 17 -9.28 -19.89 4.37
C ALA C 17 -8.47 -19.34 3.19
N ALA C 18 -8.63 -18.05 2.95
CA ALA C 18 -7.82 -17.33 1.97
C ALA C 18 -7.36 -16.02 2.60
N SER C 19 -6.05 -15.77 2.55
CA SER C 19 -5.45 -14.58 3.14
C SER C 19 -4.72 -13.80 2.07
N MET C 20 -5.04 -12.52 1.95
CA MET C 20 -4.39 -11.60 1.02
C MET C 20 -3.72 -10.49 1.81
N SER C 21 -3.13 -9.53 1.11
CA SER C 21 -2.42 -8.47 1.79
C SER C 21 -2.35 -7.23 0.92
N CYS C 22 -2.57 -6.08 1.53
CA CYS C 22 -2.26 -4.79 0.93
C CYS C 22 -1.20 -4.11 1.77
N THR C 23 -0.08 -3.76 1.14
CA THR C 23 1.01 -3.07 1.81
C THR C 23 1.24 -1.73 1.14
N SER C 24 1.48 -0.70 1.95
CA SER C 24 1.70 0.65 1.46
C SER C 24 3.10 1.12 1.87
N THR C 25 3.70 1.93 1.00
CA THR C 25 5.05 2.41 1.28
C THR C 25 5.07 3.39 2.44
N GLN C 26 4.09 4.29 2.49
CA GLN C 26 3.98 5.26 3.57
C GLN C 26 2.86 4.86 4.53
N SER C 27 3.01 5.27 5.79
CA SER C 27 2.10 4.83 6.83
C SER C 27 0.69 5.37 6.59
N LEU C 28 -0.30 4.51 6.81
CA LEU C 28 -1.70 4.86 6.60
C LEU C 28 -2.42 5.22 7.88
N ARG C 29 -1.73 5.27 9.01
CA ARG C 29 -2.35 5.56 10.29
C ARG C 29 -2.39 7.08 10.50
N HIS C 30 -3.60 7.63 10.53
CA HIS C 30 -3.78 9.05 10.84
C HIS C 30 -3.49 9.29 12.32
N SER C 31 -3.25 10.55 12.65
CA SER C 31 -2.93 10.93 14.04
C SER C 31 -3.96 10.40 15.02
N ASN C 32 -5.23 10.37 14.62
CA ASN C 32 -6.28 9.91 15.53
C ASN C 32 -6.25 8.40 15.77
N GLY C 33 -5.31 7.68 15.18
CA GLY C 33 -5.21 6.24 15.39
C GLY C 33 -6.09 5.40 14.50
N ALA C 34 -6.52 5.92 13.35
CA ALA C 34 -7.37 5.17 12.43
C ALA C 34 -6.59 4.98 11.13
N ASN C 35 -6.44 3.73 10.71
CA ASN C 35 -5.81 3.42 9.43
C ASN C 35 -6.84 3.59 8.33
N TYR C 36 -6.56 4.45 7.36
CA TYR C 36 -7.52 4.77 6.31
C TYR C 36 -7.25 3.89 5.09
N LEU C 37 -7.65 2.62 5.21
CA LEU C 37 -7.58 1.67 4.11
C LEU C 37 -8.84 0.81 4.12
N ALA C 38 -9.51 0.75 2.97
CA ALA C 38 -10.75 0.00 2.84
C ALA C 38 -10.57 -1.15 1.86
N TRP C 39 -11.44 -2.16 1.98
CA TRP C 39 -11.40 -3.34 1.12
C TRP C 39 -12.69 -3.41 0.32
N TYR C 40 -12.56 -3.63 -0.99
CA TYR C 40 -13.69 -3.64 -1.90
C TYR C 40 -13.76 -4.95 -2.66
N GLN C 41 -14.97 -5.46 -2.85
CA GLN C 41 -15.22 -6.68 -3.60
C GLN C 41 -15.92 -6.33 -4.90
N HIS C 42 -15.46 -6.94 -6.00
CA HIS C 42 -15.98 -6.63 -7.33
C HIS C 42 -16.18 -7.93 -8.10
N LYS C 43 -17.41 -8.42 -8.15
CA LYS C 43 -17.74 -9.55 -9.00
C LYS C 43 -18.14 -9.05 -10.39
N PRO C 44 -17.87 -9.84 -11.43
CA PRO C 44 -17.96 -9.32 -12.81
C PRO C 44 -19.34 -8.81 -13.17
N GLY C 45 -19.36 -7.80 -14.03
CA GLY C 45 -20.60 -7.22 -14.52
C GLY C 45 -21.46 -6.61 -13.44
N GLN C 46 -20.85 -6.06 -12.40
CA GLN C 46 -21.56 -5.66 -11.20
C GLN C 46 -20.93 -4.40 -10.63
N SER C 47 -21.61 -3.80 -9.65
CA SER C 47 -21.04 -2.66 -8.95
C SER C 47 -20.07 -3.15 -7.88
N PRO C 48 -18.97 -2.43 -7.66
CA PRO C 48 -18.07 -2.78 -6.55
C PRO C 48 -18.78 -2.64 -5.21
N ARG C 49 -18.37 -3.47 -4.25
CA ARG C 49 -19.03 -3.58 -2.97
C ARG C 49 -18.03 -3.40 -1.84
N LEU C 50 -18.42 -2.63 -0.83
CA LEU C 50 -17.54 -2.33 0.29
C LEU C 50 -17.57 -3.44 1.32
N LEU C 51 -16.38 -3.96 1.68
CA LEU C 51 -16.24 -5.03 2.66
C LEU C 51 -15.75 -4.52 4.00
N ILE C 52 -14.55 -3.94 4.02
CA ILE C 52 -13.90 -3.48 5.23
C ILE C 52 -13.50 -2.03 5.03
N ARG C 53 -13.61 -1.23 6.09
CA ARG C 53 -13.18 0.16 6.07
C ARG C 53 -12.42 0.47 7.35
N LEU C 54 -11.67 1.57 7.32
CA LEU C 54 -10.82 2.00 8.43
C LEU C 54 -9.85 0.91 8.87
N GLY C 55 -9.59 -0.08 8.03
CA GLY C 55 -8.70 -1.16 8.37
C GLY C 55 -9.41 -2.41 8.85
N SER C 56 -10.36 -2.26 9.77
CA SER C 56 -10.98 -3.43 10.39
C SER C 56 -12.48 -3.29 10.63
N GLN C 57 -13.12 -2.24 10.13
CA GLN C 57 -14.55 -2.03 10.36
C GLN C 57 -15.35 -2.80 9.30
N ARG C 58 -16.16 -3.75 9.76
CA ARG C 58 -17.04 -4.49 8.87
C ARG C 58 -18.12 -3.57 8.30
N ALA C 59 -18.34 -3.63 7.00
CA ALA C 59 -19.37 -2.83 6.39
C ALA C 59 -20.75 -3.43 6.68
N SER C 60 -21.79 -2.62 6.50
CA SER C 60 -23.14 -3.05 6.80
C SER C 60 -23.56 -4.21 5.90
N GLY C 61 -24.14 -5.24 6.52
CA GLY C 61 -24.57 -6.40 5.76
C GLY C 61 -23.42 -7.20 5.19
N VAL C 62 -22.26 -7.17 5.83
CA VAL C 62 -21.11 -7.97 5.45
C VAL C 62 -20.87 -9.01 6.54
N PRO C 63 -20.79 -10.30 6.20
CA PRO C 63 -20.65 -11.33 7.24
C PRO C 63 -19.31 -11.22 7.96
N ASP C 64 -19.22 -11.91 9.10
CA ASP C 64 -18.00 -11.90 9.89
C ASP C 64 -16.95 -12.86 9.38
N ARG C 65 -17.24 -13.65 8.34
CA ARG C 65 -16.20 -14.44 7.70
C ARG C 65 -15.24 -13.58 6.88
N PHE C 66 -15.55 -12.30 6.71
CA PHE C 66 -14.63 -11.33 6.11
C PHE C 66 -14.02 -10.50 7.23
N SER C 67 -12.70 -10.54 7.36
CA SER C 67 -12.00 -10.01 8.52
C SER C 67 -10.94 -9.01 8.10
N GLY C 68 -11.00 -7.80 8.65
CA GLY C 68 -9.95 -6.83 8.46
C GLY C 68 -8.90 -6.92 9.56
N SER C 69 -7.67 -6.57 9.21
CA SER C 69 -6.55 -6.63 10.15
C SER C 69 -5.41 -5.79 9.58
N GLY C 70 -4.28 -5.81 10.29
CA GLY C 70 -3.13 -5.01 9.90
C GLY C 70 -3.16 -3.61 10.48
N SER C 71 -2.07 -2.88 10.23
CA SER C 71 -1.96 -1.50 10.67
C SER C 71 -0.70 -0.89 10.07
N GLY C 72 -0.68 0.44 10.02
CA GLY C 72 0.49 1.18 9.58
C GLY C 72 0.74 1.11 8.09
N THR C 73 1.60 0.19 7.67
CA THR C 73 1.93 0.00 6.26
C THR C 73 1.52 -1.36 5.72
N HIS C 74 1.05 -2.28 6.56
CA HIS C 74 0.80 -3.66 6.17
C HIS C 74 -0.61 -4.06 6.60
N PHE C 75 -1.47 -4.33 5.63
CA PHE C 75 -2.86 -4.73 5.88
C PHE C 75 -3.12 -6.10 5.26
N THR C 76 -4.07 -6.82 5.86
CA THR C 76 -4.36 -8.19 5.47
C THR C 76 -5.87 -8.44 5.54
N LEU C 77 -6.42 -9.00 4.47
CA LEU C 77 -7.83 -9.37 4.41
C LEU C 77 -7.93 -10.89 4.39
N LYS C 78 -8.77 -11.45 5.27
CA LYS C 78 -8.95 -12.88 5.39
C LYS C 78 -10.41 -13.23 5.15
N ILE C 79 -10.63 -14.16 4.22
CA ILE C 79 -11.96 -14.69 3.93
C ILE C 79 -12.01 -16.12 4.45
N SER C 80 -12.91 -16.37 5.40
CA SER C 80 -13.04 -17.67 6.04
C SER C 80 -14.15 -18.47 5.39
N ARG C 81 -13.93 -19.78 5.26
CA ARG C 81 -14.93 -20.71 4.73
C ARG C 81 -15.46 -20.22 3.38
N VAL C 82 -14.57 -20.29 2.39
CA VAL C 82 -14.85 -19.67 1.09
C VAL C 82 -16.01 -20.36 0.41
N GLU C 83 -16.94 -19.56 -0.13
CA GLU C 83 -18.04 -20.04 -0.92
C GLU C 83 -17.79 -19.73 -2.39
N ALA C 84 -18.54 -20.42 -3.26
CA ALA C 84 -18.51 -20.11 -4.69
C ALA C 84 -18.93 -18.67 -4.94
N ASP C 85 -19.76 -18.11 -4.07
CA ASP C 85 -20.17 -16.72 -4.16
C ASP C 85 -18.98 -15.76 -4.06
N ASP C 86 -17.86 -16.20 -3.48
CA ASP C 86 -16.77 -15.30 -3.13
C ASP C 86 -15.81 -15.02 -4.27
N ALA C 87 -15.94 -15.72 -5.40
CA ALA C 87 -14.98 -15.58 -6.49
C ALA C 87 -15.12 -14.21 -7.13
N ALA C 88 -14.10 -13.36 -6.95
CA ALA C 88 -14.11 -11.99 -7.47
C ALA C 88 -12.70 -11.42 -7.36
N ILE C 89 -12.58 -10.12 -7.61
CA ILE C 89 -11.33 -9.39 -7.49
C ILE C 89 -11.48 -8.41 -6.32
N TYR C 90 -10.56 -8.50 -5.36
CA TYR C 90 -10.64 -7.72 -4.13
C TYR C 90 -9.65 -6.56 -4.17
N TYR C 91 -10.16 -5.35 -3.98
CA TYR C 91 -9.34 -4.14 -4.01
C TYR C 91 -9.21 -3.54 -2.62
N CYS C 92 -8.04 -2.97 -2.36
CA CYS C 92 -7.84 -2.12 -1.21
C CYS C 92 -7.60 -0.69 -1.69
N MET C 93 -7.92 0.28 -0.83
CA MET C 93 -7.87 1.68 -1.23
C MET C 93 -7.44 2.52 -0.04
N GLN C 94 -6.34 3.25 -0.19
CA GLN C 94 -5.84 4.13 0.86
C GLN C 94 -6.53 5.48 0.79
N GLY C 95 -6.91 5.99 1.97
CA GLY C 95 -7.64 7.25 2.03
C GLY C 95 -6.91 8.31 2.85
N LEU C 96 -5.67 8.02 3.25
CA LEU C 96 -4.90 8.96 4.06
C LEU C 96 -4.16 9.97 3.19
N ASN C 97 -3.34 9.49 2.25
CA ASN C 97 -2.50 10.34 1.45
C ASN C 97 -3.19 10.75 0.15
N ARG C 98 -2.87 11.95 -0.32
CA ARG C 98 -3.35 12.46 -1.59
C ARG C 98 -2.24 12.38 -2.63
N PRO C 99 -2.55 11.86 -3.84
CA PRO C 99 -3.87 11.41 -4.30
C PRO C 99 -4.27 10.05 -3.73
N TRP C 100 -5.57 9.82 -3.59
CA TRP C 100 -6.07 8.53 -3.14
C TRP C 100 -5.91 7.50 -4.25
N THR C 101 -5.36 6.33 -3.90
CA THR C 101 -5.02 5.31 -4.88
C THR C 101 -5.71 3.99 -4.55
N PHE C 102 -5.97 3.21 -5.59
CA PHE C 102 -6.49 1.86 -5.47
C PHE C 102 -5.35 0.85 -5.51
N GLY C 103 -5.65 -0.38 -5.07
CA GLY C 103 -4.72 -1.47 -5.22
C GLY C 103 -4.80 -2.09 -6.61
N LYS C 104 -3.70 -2.74 -7.00
CA LYS C 104 -3.68 -3.41 -8.30
C LYS C 104 -4.78 -4.45 -8.40
N GLY C 105 -5.08 -5.12 -7.30
CA GLY C 105 -6.14 -6.11 -7.28
C GLY C 105 -5.63 -7.50 -6.94
N THR C 106 -6.53 -8.35 -6.45
CA THR C 106 -6.22 -9.75 -6.18
C THR C 106 -7.41 -10.59 -6.60
N LYS C 107 -7.18 -11.47 -7.58
CA LYS C 107 -8.25 -12.32 -8.07
C LYS C 107 -8.39 -13.55 -7.19
N LEU C 108 -9.64 -13.90 -6.87
CA LEU C 108 -9.95 -15.13 -6.15
C LEU C 108 -10.80 -16.01 -7.05
N GLU C 109 -10.43 -17.29 -7.12
CA GLU C 109 -11.16 -18.25 -7.92
C GLU C 109 -11.37 -19.53 -7.12
N ILE C 110 -12.48 -20.20 -7.41
CA ILE C 110 -12.80 -21.45 -6.73
C ILE C 110 -11.86 -22.53 -7.25
N LYS C 111 -11.09 -23.14 -6.33
CA LYS C 111 -10.25 -24.27 -6.70
C LYS C 111 -11.12 -25.51 -6.91
N ARG C 112 -10.75 -26.30 -7.91
CA ARG C 112 -11.59 -27.40 -8.36
C ARG C 112 -10.70 -28.60 -8.68
N THR C 113 -11.33 -29.77 -8.78
CA THR C 113 -10.65 -30.92 -9.38
C THR C 113 -10.38 -30.62 -10.84
N VAL C 114 -9.31 -31.24 -11.36
CA VAL C 114 -8.93 -31.00 -12.74
C VAL C 114 -10.00 -31.54 -13.67
N ALA C 115 -10.46 -30.70 -14.59
CA ALA C 115 -11.46 -31.07 -15.58
C ALA C 115 -10.88 -30.89 -16.97
N ALA C 116 -10.89 -31.94 -17.78
CA ALA C 116 -10.46 -31.81 -19.15
C ALA C 116 -11.54 -31.14 -20.00
N PRO C 117 -11.16 -30.41 -21.03
CA PRO C 117 -12.16 -29.75 -21.88
C PRO C 117 -12.70 -30.64 -22.98
N SER C 118 -13.99 -30.45 -23.28
CA SER C 118 -14.58 -31.02 -24.47
C SER C 118 -14.41 -30.04 -25.63
N VAL C 119 -13.84 -30.51 -26.74
CA VAL C 119 -13.47 -29.67 -27.86
C VAL C 119 -14.53 -29.78 -28.94
N PHE C 120 -14.81 -28.66 -29.61
CA PHE C 120 -15.76 -28.59 -30.71
C PHE C 120 -15.22 -27.65 -31.78
N ILE C 121 -15.40 -28.04 -33.04
CA ILE C 121 -14.89 -27.30 -34.18
C ILE C 121 -16.04 -26.94 -35.10
N PHE C 122 -16.13 -25.67 -35.49
CA PHE C 122 -17.19 -25.19 -36.35
C PHE C 122 -16.59 -24.66 -37.66
N PRO C 123 -17.06 -25.15 -38.81
CA PRO C 123 -16.62 -24.58 -40.08
C PRO C 123 -17.33 -23.25 -40.33
N PRO C 124 -16.83 -22.42 -41.25
CA PRO C 124 -17.53 -21.19 -41.59
C PRO C 124 -18.88 -21.49 -42.23
N SER C 125 -19.87 -20.67 -41.91
CA SER C 125 -21.18 -20.81 -42.52
C SER C 125 -21.12 -20.40 -43.99
N ASP C 126 -22.03 -20.98 -44.78
CA ASP C 126 -22.14 -20.56 -46.17
C ASP C 126 -22.59 -19.11 -46.28
N GLU C 127 -23.33 -18.63 -45.29
CA GLU C 127 -23.79 -17.25 -45.30
C GLU C 127 -22.62 -16.28 -45.24
N GLN C 128 -21.65 -16.54 -44.37
CA GLN C 128 -20.52 -15.62 -44.21
C GLN C 128 -19.58 -15.67 -45.42
N LEU C 129 -19.41 -16.85 -46.01
CA LEU C 129 -18.51 -16.99 -47.16
C LEU C 129 -18.94 -16.13 -48.34
N LYS C 130 -20.20 -15.69 -48.37
CA LYS C 130 -20.66 -14.80 -49.43
C LYS C 130 -20.19 -13.37 -49.25
N SER C 131 -19.34 -13.10 -48.26
CA SER C 131 -18.81 -11.77 -48.00
C SER C 131 -17.30 -11.71 -48.15
N GLY C 132 -16.66 -12.82 -48.55
CA GLY C 132 -15.23 -12.84 -48.79
C GLY C 132 -14.38 -13.21 -47.60
N THR C 133 -14.96 -13.29 -46.40
CA THR C 133 -14.22 -13.70 -45.21
C THR C 133 -14.75 -15.02 -44.68
N ALA C 134 -13.86 -15.78 -44.03
CA ALA C 134 -14.21 -17.04 -43.41
C ALA C 134 -13.78 -17.03 -41.95
N SER C 135 -14.56 -17.71 -41.11
CA SER C 135 -14.31 -17.72 -39.67
C SER C 135 -14.46 -19.14 -39.16
N VAL C 136 -13.36 -19.72 -38.69
CA VAL C 136 -13.36 -21.03 -38.05
C VAL C 136 -13.31 -20.82 -36.55
N VAL C 137 -14.22 -21.48 -35.83
CA VAL C 137 -14.36 -21.30 -34.39
C VAL C 137 -14.08 -22.64 -33.70
N CYS C 138 -13.23 -22.60 -32.68
CA CYS C 138 -12.96 -23.77 -31.84
C CYS C 138 -13.48 -23.48 -30.44
N LEU C 139 -14.19 -24.45 -29.87
CA LEU C 139 -14.79 -24.32 -28.55
C LEU C 139 -14.18 -25.37 -27.62
N LEU C 140 -13.66 -24.92 -26.49
CA LEU C 140 -13.26 -25.80 -25.39
C LEU C 140 -14.19 -25.50 -24.22
N ASN C 141 -14.71 -26.55 -23.59
CA ASN C 141 -15.92 -26.44 -22.78
C ASN C 141 -15.71 -27.07 -21.41
N ASN C 142 -15.88 -26.27 -20.36
CA ASN C 142 -16.05 -26.75 -18.98
C ASN C 142 -14.82 -27.55 -18.53
N PHE C 143 -13.73 -26.82 -18.37
CA PHE C 143 -12.45 -27.37 -17.95
C PHE C 143 -11.91 -26.56 -16.77
N TYR C 144 -10.98 -27.17 -16.05
CA TYR C 144 -10.24 -26.50 -14.99
C TYR C 144 -8.90 -27.21 -14.84
N PRO C 145 -7.81 -26.44 -14.67
CA PRO C 145 -7.73 -24.98 -14.49
C PRO C 145 -7.88 -24.17 -15.77
N ARG C 146 -7.75 -22.85 -15.64
CA ARG C 146 -7.94 -21.92 -16.75
C ARG C 146 -6.82 -22.00 -17.77
N GLU C 147 -5.70 -22.63 -17.44
CA GLU C 147 -4.54 -22.68 -18.34
C GLU C 147 -4.79 -23.70 -19.44
N ALA C 148 -4.82 -23.23 -20.69
CA ALA C 148 -5.08 -24.10 -21.83
C ALA C 148 -4.56 -23.42 -23.08
N LYS C 149 -4.10 -24.23 -24.03
CA LYS C 149 -3.55 -23.74 -25.29
C LYS C 149 -4.27 -24.40 -26.46
N VAL C 150 -4.82 -23.59 -27.35
CA VAL C 150 -5.34 -24.07 -28.63
C VAL C 150 -4.32 -23.71 -29.70
N GLN C 151 -4.11 -24.64 -30.64
CA GLN C 151 -3.24 -24.41 -31.79
C GLN C 151 -4.03 -24.73 -33.04
N TRP C 152 -4.15 -23.75 -33.93
CA TRP C 152 -4.80 -23.97 -35.21
C TRP C 152 -3.82 -24.57 -36.21
N LYS C 153 -4.29 -25.56 -36.97
CA LYS C 153 -3.50 -26.19 -38.02
C LYS C 153 -4.37 -26.25 -39.27
N VAL C 154 -3.89 -25.63 -40.35
CA VAL C 154 -4.58 -25.61 -41.63
C VAL C 154 -3.72 -26.38 -42.62
N ASP C 155 -4.18 -27.55 -43.04
CA ASP C 155 -3.39 -28.47 -43.85
C ASP C 155 -2.02 -28.70 -43.23
N ASN C 156 -2.01 -28.85 -41.89
CA ASN C 156 -0.83 -29.16 -41.09
C ASN C 156 0.15 -27.99 -40.99
N ALA C 157 -0.30 -26.77 -41.31
CA ALA C 157 0.51 -25.57 -41.12
C ALA C 157 0.06 -24.90 -39.83
N LEU C 158 0.94 -24.87 -38.83
CA LEU C 158 0.63 -24.21 -37.58
C LEU C 158 0.46 -22.71 -37.82
N GLN C 159 -0.67 -22.17 -37.38
CA GLN C 159 -1.02 -20.77 -37.60
C GLN C 159 -0.63 -19.95 -36.39
N SER C 160 -0.06 -18.77 -36.63
CA SER C 160 0.43 -17.91 -35.56
C SER C 160 -0.02 -16.48 -35.84
N GLY C 161 -0.77 -15.90 -34.90
CA GLY C 161 -1.15 -14.51 -34.99
C GLY C 161 -2.36 -14.20 -35.84
N ASN C 162 -3.15 -15.21 -36.18
CA ASN C 162 -4.38 -15.00 -36.94
C ASN C 162 -5.61 -15.53 -36.21
N SER C 163 -5.49 -15.80 -34.91
CA SER C 163 -6.59 -16.27 -34.10
C SER C 163 -6.73 -15.39 -32.86
N GLN C 164 -7.96 -15.31 -32.34
CA GLN C 164 -8.25 -14.53 -31.15
C GLN C 164 -9.22 -15.32 -30.29
N GLU C 165 -8.92 -15.42 -29.00
CA GLU C 165 -9.74 -16.20 -28.08
C GLU C 165 -10.26 -15.34 -26.93
N SER C 166 -11.20 -15.91 -26.20
CA SER C 166 -11.76 -15.30 -25.00
C SER C 166 -12.18 -16.42 -24.07
N VAL C 167 -11.98 -16.22 -22.77
CA VAL C 167 -12.37 -17.19 -21.75
C VAL C 167 -13.49 -16.58 -20.93
N THR C 168 -14.44 -17.41 -20.53
CA THR C 168 -15.54 -16.95 -19.70
C THR C 168 -15.10 -16.79 -18.25
N GLU C 169 -15.78 -15.91 -17.53
CA GLU C 169 -15.62 -15.87 -16.08
C GLU C 169 -15.99 -17.23 -15.50
N GLN C 170 -15.41 -17.53 -14.34
CA GLN C 170 -15.56 -18.86 -13.78
C GLN C 170 -17.02 -19.16 -13.44
N ASP C 171 -17.44 -20.38 -13.78
CA ASP C 171 -18.80 -20.81 -13.49
C ASP C 171 -19.01 -20.87 -11.98
N SER C 172 -20.21 -20.44 -11.54
CA SER C 172 -20.51 -20.47 -10.12
C SER C 172 -20.80 -21.90 -9.65
N LYS C 173 -21.41 -22.72 -10.49
CA LYS C 173 -21.87 -24.03 -10.05
C LYS C 173 -20.74 -25.07 -10.07
N ASP C 174 -20.08 -25.25 -11.21
CA ASP C 174 -19.05 -26.27 -11.33
C ASP C 174 -17.63 -25.71 -11.42
N SER C 175 -17.47 -24.39 -11.38
CA SER C 175 -16.15 -23.76 -11.23
C SER C 175 -15.21 -24.12 -12.37
N THR C 176 -15.76 -24.27 -13.57
CA THR C 176 -14.96 -24.54 -14.75
C THR C 176 -14.76 -23.26 -15.55
N TYR C 177 -14.08 -23.38 -16.69
CA TYR C 177 -13.93 -22.29 -17.63
C TYR C 177 -14.26 -22.81 -19.02
N SER C 178 -14.52 -21.87 -19.94
CA SER C 178 -14.81 -22.21 -21.31
C SER C 178 -14.11 -21.21 -22.22
N LEU C 179 -13.55 -21.72 -23.33
CA LEU C 179 -12.72 -20.93 -24.22
C LEU C 179 -13.25 -21.03 -25.64
N SER C 180 -13.23 -19.90 -26.35
CA SER C 180 -13.67 -19.81 -27.74
C SER C 180 -12.57 -19.15 -28.55
N SER C 181 -12.02 -19.89 -29.51
CA SER C 181 -10.96 -19.39 -30.38
C SER C 181 -11.49 -19.27 -31.80
N THR C 182 -11.25 -18.12 -32.42
CA THR C 182 -11.74 -17.85 -33.78
C THR C 182 -10.55 -17.60 -34.69
N LEU C 183 -10.44 -18.40 -35.74
CA LEU C 183 -9.46 -18.21 -36.80
C LEU C 183 -10.12 -17.51 -37.97
N THR C 184 -9.57 -16.37 -38.37
CA THR C 184 -10.08 -15.62 -39.51
C THR C 184 -9.25 -15.94 -40.75
N LEU C 185 -9.89 -15.84 -41.91
CA LEU C 185 -9.25 -16.23 -43.16
C LEU C 185 -10.01 -15.60 -44.32
N SER C 186 -9.27 -15.24 -45.37
CA SER C 186 -9.90 -14.81 -46.59
C SER C 186 -10.60 -15.99 -47.26
N LYS C 187 -11.68 -15.69 -47.98
CA LYS C 187 -12.40 -16.74 -48.68
C LYS C 187 -11.52 -17.41 -49.72
N ALA C 188 -10.64 -16.63 -50.36
CA ALA C 188 -9.71 -17.20 -51.34
C ALA C 188 -8.76 -18.20 -50.67
N ASP C 189 -8.21 -17.83 -49.51
CA ASP C 189 -7.27 -18.73 -48.84
C ASP C 189 -7.97 -19.90 -48.18
N TYR C 190 -9.21 -19.71 -47.72
CA TYR C 190 -9.95 -20.80 -47.10
C TYR C 190 -10.16 -21.95 -48.09
N GLU C 191 -10.46 -21.62 -49.34
CA GLU C 191 -10.72 -22.63 -50.35
C GLU C 191 -9.45 -23.27 -50.92
N LYS C 192 -8.27 -22.71 -50.64
CA LYS C 192 -7.02 -23.31 -51.05
C LYS C 192 -6.63 -24.52 -50.21
N HIS C 193 -7.33 -24.77 -49.10
CA HIS C 193 -6.91 -25.77 -48.14
C HIS C 193 -8.11 -26.64 -47.75
N LYS C 194 -7.80 -27.83 -47.23
CA LYS C 194 -8.81 -28.86 -46.96
C LYS C 194 -8.99 -29.13 -45.47
N VAL C 195 -7.92 -29.47 -44.76
CA VAL C 195 -8.03 -29.94 -43.38
C VAL C 195 -7.85 -28.75 -42.43
N TYR C 196 -8.86 -28.52 -41.59
CA TYR C 196 -8.87 -27.43 -40.62
C TYR C 196 -8.99 -28.04 -39.23
N ALA C 197 -7.88 -28.07 -38.50
CA ALA C 197 -7.81 -28.72 -37.19
C ALA C 197 -7.70 -27.69 -36.09
N CYS C 198 -7.93 -28.14 -34.86
CA CYS C 198 -7.80 -27.31 -33.66
C CYS C 198 -7.22 -28.20 -32.56
N GLU C 199 -5.91 -28.09 -32.34
CA GLU C 199 -5.24 -28.88 -31.31
C GLU C 199 -5.34 -28.17 -29.97
N VAL C 200 -5.80 -28.91 -28.95
CA VAL C 200 -6.02 -28.37 -27.62
C VAL C 200 -5.10 -29.10 -26.64
N THR C 201 -4.35 -28.33 -25.87
CA THR C 201 -3.44 -28.87 -24.86
C THR C 201 -3.90 -28.39 -23.49
N HIS C 202 -4.24 -29.33 -22.63
CA HIS C 202 -4.68 -29.04 -21.27
C HIS C 202 -4.16 -30.15 -20.35
N GLN C 203 -3.96 -29.83 -19.08
CA GLN C 203 -3.49 -30.84 -18.15
C GLN C 203 -4.59 -31.76 -17.67
N GLY C 204 -5.80 -31.64 -18.20
CA GLY C 204 -6.80 -32.67 -18.01
C GLY C 204 -6.69 -33.79 -19.00
N LEU C 205 -6.16 -33.50 -20.20
CA LEU C 205 -5.94 -34.50 -21.23
C LEU C 205 -4.57 -35.14 -21.07
N SER C 206 -4.48 -36.42 -21.47
CA SER C 206 -3.20 -37.11 -21.41
C SER C 206 -2.30 -36.68 -22.58
N SER C 207 -2.87 -36.59 -23.76
CA SER C 207 -2.21 -36.06 -24.95
C SER C 207 -3.08 -34.97 -25.54
N PRO C 208 -2.53 -34.11 -26.40
CA PRO C 208 -3.35 -33.10 -27.05
C PRO C 208 -4.51 -33.72 -27.81
N VAL C 209 -5.66 -33.05 -27.76
CA VAL C 209 -6.84 -33.45 -28.50
C VAL C 209 -6.96 -32.56 -29.73
N THR C 210 -7.24 -33.17 -30.88
CA THR C 210 -7.45 -32.45 -32.12
C THR C 210 -8.86 -32.70 -32.63
N LYS C 211 -9.53 -31.63 -33.05
CA LYS C 211 -10.86 -31.69 -33.63
C LYS C 211 -10.82 -30.99 -34.97
N SER C 212 -11.09 -31.73 -36.04
CA SER C 212 -10.84 -31.26 -37.39
C SER C 212 -12.08 -31.43 -38.27
N PHE C 213 -12.04 -30.80 -39.43
CA PHE C 213 -13.02 -31.03 -40.48
C PHE C 213 -12.34 -30.83 -41.82
N ASN C 214 -12.82 -31.56 -42.83
CA ASN C 214 -12.38 -31.38 -44.20
C ASN C 214 -13.37 -30.48 -44.93
N ARG C 215 -12.85 -29.47 -45.62
CA ARG C 215 -13.70 -28.54 -46.35
C ARG C 215 -14.54 -29.30 -47.36
N GLY C 216 -15.86 -29.16 -47.25
CA GLY C 216 -16.78 -29.87 -48.13
C GLY C 216 -16.74 -31.37 -47.97
N LEU D 1 -28.31 7.04 -7.60
CA LEU D 1 -27.20 7.39 -8.48
C LEU D 1 -27.42 6.81 -9.87
N VAL D 2 -27.83 7.66 -10.80
CA VAL D 2 -28.21 7.26 -12.15
C VAL D 2 -27.30 7.98 -13.14
N GLN D 3 -26.60 7.20 -13.97
CA GLN D 3 -25.63 7.74 -14.91
C GLN D 3 -26.22 7.81 -16.31
N SER D 4 -25.61 8.65 -17.14
CA SER D 4 -26.07 8.85 -18.50
C SER D 4 -25.65 7.68 -19.39
N GLY D 5 -26.24 7.63 -20.58
CA GLY D 5 -25.99 6.54 -21.49
C GLY D 5 -24.56 6.49 -22.00
N ALA D 6 -24.24 5.40 -22.67
CA ALA D 6 -22.90 5.20 -23.20
C ALA D 6 -22.62 6.20 -24.31
N GLU D 7 -21.33 6.51 -24.49
CA GLU D 7 -20.89 7.48 -25.48
C GLU D 7 -19.66 6.94 -26.19
N VAL D 8 -19.57 7.20 -27.49
CA VAL D 8 -18.41 6.86 -28.30
C VAL D 8 -17.76 8.16 -28.74
N LYS D 9 -16.43 8.23 -28.61
CA LYS D 9 -15.72 9.47 -28.83
C LYS D 9 -14.44 9.22 -29.61
N LYS D 10 -14.20 10.06 -30.60
CA LYS D 10 -13.02 10.02 -31.43
C LYS D 10 -11.79 10.47 -30.65
N PRO D 11 -10.60 10.03 -31.06
CA PRO D 11 -9.38 10.45 -30.37
C PRO D 11 -9.19 11.97 -30.43
N GLY D 12 -9.00 12.57 -29.26
CA GLY D 12 -8.78 14.00 -29.14
C GLY D 12 -9.96 14.81 -28.68
N SER D 13 -11.14 14.20 -28.54
CA SER D 13 -12.36 14.90 -28.15
C SER D 13 -12.57 14.80 -26.64
N SER D 14 -13.80 15.10 -26.20
CA SER D 14 -14.12 15.10 -24.78
C SER D 14 -15.48 14.45 -24.57
N VAL D 15 -15.68 13.94 -23.36
CA VAL D 15 -16.97 13.39 -22.94
C VAL D 15 -17.42 14.14 -21.70
N LYS D 16 -18.74 14.13 -21.48
CA LYS D 16 -19.32 14.57 -20.22
C LYS D 16 -20.38 13.57 -19.81
N VAL D 17 -20.31 13.10 -18.57
CA VAL D 17 -21.19 12.06 -18.06
C VAL D 17 -21.99 12.63 -16.90
N SER D 18 -23.26 12.24 -16.83
CA SER D 18 -24.13 12.73 -15.77
C SER D 18 -24.18 11.73 -14.61
N CYS D 19 -24.75 12.20 -13.50
CA CYS D 19 -24.98 11.36 -12.32
C CYS D 19 -26.06 12.05 -11.50
N LYS D 20 -27.16 11.37 -11.25
CA LYS D 20 -28.33 11.96 -10.60
C LYS D 20 -28.53 11.33 -9.23
N ALA D 21 -28.44 12.14 -8.18
CA ALA D 21 -28.78 11.70 -6.83
C ALA D 21 -30.27 11.86 -6.60
N SER D 22 -30.79 11.10 -5.64
CA SER D 22 -32.21 11.12 -5.31
C SER D 22 -32.68 12.53 -4.97
N GLY D 23 -33.32 13.18 -5.93
CA GLY D 23 -33.90 14.49 -5.73
C GLY D 23 -33.00 15.49 -5.01
N ASN D 24 -31.86 15.83 -5.64
CA ASN D 24 -31.02 16.97 -5.27
C ASN D 24 -30.05 16.67 -4.13
N THR D 25 -29.81 15.39 -3.83
CA THR D 25 -28.91 15.06 -2.72
C THR D 25 -27.45 14.92 -3.22
N PHE D 26 -26.94 16.03 -3.74
CA PHE D 26 -25.52 16.16 -4.04
C PHE D 26 -24.83 17.24 -3.23
N ARG D 27 -25.59 18.12 -2.58
CA ARG D 27 -25.06 19.02 -1.57
C ARG D 27 -25.02 18.39 -0.19
N LYS D 28 -25.49 17.15 -0.06
CA LYS D 28 -25.41 16.41 1.19
C LYS D 28 -24.47 15.21 1.10
N TYR D 29 -23.92 14.91 -0.08
CA TYR D 29 -23.11 13.72 -0.27
C TYR D 29 -21.92 14.04 -1.15
N ASP D 30 -20.80 13.36 -0.87
CA ASP D 30 -19.59 13.53 -1.66
C ASP D 30 -19.67 12.71 -2.94
N VAL D 31 -19.02 13.23 -3.99
CA VAL D 31 -19.03 12.62 -5.32
C VAL D 31 -17.63 12.15 -5.65
N HIS D 32 -17.52 10.94 -6.19
CA HIS D 32 -16.27 10.41 -6.70
C HIS D 32 -16.51 9.83 -8.09
N TRP D 33 -15.44 9.74 -8.87
CA TRP D 33 -15.49 9.10 -10.19
C TRP D 33 -14.40 8.03 -10.23
N VAL D 34 -14.80 6.79 -10.50
CA VAL D 34 -13.89 5.66 -10.59
C VAL D 34 -14.14 4.94 -11.91
N ARG D 35 -13.07 4.66 -12.65
CA ARG D 35 -13.18 4.00 -13.93
C ARG D 35 -12.47 2.65 -13.89
N GLN D 36 -12.89 1.77 -14.79
CA GLN D 36 -12.29 0.43 -14.91
C GLN D 36 -12.13 0.11 -16.39
N ALA D 37 -10.89 -0.18 -16.81
CA ALA D 37 -10.60 -0.36 -18.22
C ALA D 37 -10.94 -1.76 -18.71
N THR D 38 -10.23 -2.23 -19.73
CA THR D 38 -10.58 -3.49 -20.38
C THR D 38 -9.97 -4.68 -19.67
N GLY D 39 -8.64 -4.67 -19.49
CA GLY D 39 -7.97 -5.71 -18.74
C GLY D 39 -7.54 -5.22 -17.37
N GLN D 40 -7.67 -3.91 -17.16
CA GLN D 40 -7.18 -3.26 -15.95
C GLN D 40 -8.21 -3.32 -14.84
N GLY D 41 -7.85 -2.75 -13.69
CA GLY D 41 -8.71 -2.73 -12.52
C GLY D 41 -9.22 -1.34 -12.19
N LEU D 42 -9.78 -1.23 -10.99
CA LEU D 42 -10.44 0.01 -10.57
C LEU D 42 -9.42 1.12 -10.39
N GLU D 43 -9.75 2.31 -10.90
CA GLU D 43 -8.86 3.46 -10.87
C GLU D 43 -9.64 4.69 -10.45
N TRP D 44 -9.21 5.31 -9.35
CA TRP D 44 -9.84 6.54 -8.88
C TRP D 44 -9.43 7.71 -9.76
N VAL D 45 -10.41 8.43 -10.28
CA VAL D 45 -10.17 9.52 -11.22
C VAL D 45 -10.24 10.88 -10.54
N GLY D 46 -11.24 11.10 -9.70
CA GLY D 46 -11.36 12.39 -9.05
C GLY D 46 -12.60 12.43 -8.17
N TRP D 47 -12.87 13.62 -7.63
CA TRP D 47 -13.96 13.75 -6.67
C TRP D 47 -14.39 15.21 -6.53
N MET D 48 -15.56 15.38 -5.93
CA MET D 48 -16.11 16.70 -5.60
C MET D 48 -16.64 16.62 -4.18
N SER D 49 -16.08 17.44 -3.28
CA SER D 49 -16.63 17.52 -1.94
C SER D 49 -17.98 18.22 -1.97
N HIS D 50 -18.93 17.71 -1.19
CA HIS D 50 -20.28 18.28 -1.18
C HIS D 50 -20.29 19.71 -0.65
N GLU D 51 -19.28 20.11 0.13
CA GLU D 51 -19.16 21.50 0.53
C GLU D 51 -18.87 22.42 -0.65
N GLY D 52 -18.46 21.86 -1.79
CA GLY D 52 -18.14 22.66 -2.95
C GLY D 52 -16.82 23.38 -2.87
N ASP D 53 -15.90 22.92 -2.02
CA ASP D 53 -14.61 23.58 -1.83
C ASP D 53 -13.44 22.82 -2.43
N LYS D 54 -13.48 21.49 -2.42
CA LYS D 54 -12.38 20.66 -2.92
C LYS D 54 -12.83 19.93 -4.18
N THR D 55 -12.19 20.25 -5.30
CA THR D 55 -12.36 19.49 -6.54
C THR D 55 -10.98 19.06 -7.02
N GLU D 56 -10.74 17.75 -7.04
CA GLU D 56 -9.39 17.22 -7.20
C GLU D 56 -9.44 15.91 -7.96
N SER D 57 -8.34 15.58 -8.63
CA SER D 57 -8.27 14.40 -9.47
C SER D 57 -6.95 13.69 -9.28
N ALA D 58 -6.89 12.45 -9.77
CA ALA D 58 -5.63 11.72 -9.83
C ALA D 58 -4.66 12.44 -10.76
N GLN D 59 -3.37 12.22 -10.53
CA GLN D 59 -2.35 13.05 -11.18
C GLN D 59 -2.26 12.79 -12.68
N ARG D 60 -2.54 11.57 -13.13
CA ARG D 60 -2.46 11.28 -14.56
C ARG D 60 -3.54 11.97 -15.37
N PHE D 61 -4.52 12.59 -14.71
CA PHE D 61 -5.58 13.32 -15.39
C PHE D 61 -5.46 14.83 -15.21
N LYS D 62 -4.43 15.31 -14.52
CA LYS D 62 -4.34 16.73 -14.20
C LYS D 62 -4.16 17.56 -15.47
N GLY D 63 -5.06 18.53 -15.65
CA GLY D 63 -5.10 19.34 -16.84
C GLY D 63 -6.13 18.89 -17.87
N ARG D 64 -6.71 17.70 -17.69
CA ARG D 64 -7.67 17.16 -18.63
C ARG D 64 -9.09 17.04 -18.08
N VAL D 65 -9.27 17.06 -16.77
CA VAL D 65 -10.59 16.84 -16.18
C VAL D 65 -11.18 18.15 -15.72
N SER D 66 -12.50 18.13 -15.52
CA SER D 66 -13.24 19.21 -14.89
C SER D 66 -14.47 18.60 -14.26
N PHE D 67 -14.59 18.70 -12.94
CA PHE D 67 -15.74 18.20 -12.22
C PHE D 67 -16.67 19.36 -11.91
N THR D 68 -17.87 19.34 -12.50
CA THR D 68 -18.83 20.42 -12.37
C THR D 68 -20.09 19.89 -11.68
N ARG D 69 -20.97 20.81 -11.28
CA ARG D 69 -22.16 20.44 -10.55
C ARG D 69 -23.35 21.29 -11.02
N ASP D 70 -24.53 20.72 -10.85
CA ASP D 70 -25.78 21.41 -11.14
C ASP D 70 -25.90 22.69 -10.32
N ASN D 71 -26.54 23.71 -10.91
CA ASN D 71 -26.89 24.89 -10.13
C ASN D 71 -27.82 24.51 -8.99
N SER D 72 -28.83 23.69 -9.28
CA SER D 72 -29.65 23.09 -8.23
C SER D 72 -28.89 22.05 -7.43
N ALA D 73 -27.72 21.61 -7.91
CA ALA D 73 -26.88 20.62 -7.23
C ALA D 73 -27.58 19.27 -7.12
N SER D 74 -28.20 18.83 -8.22
CA SER D 74 -28.80 17.51 -8.32
C SER D 74 -28.11 16.62 -9.34
N THR D 75 -27.16 17.14 -10.12
CA THR D 75 -26.44 16.36 -11.11
C THR D 75 -24.95 16.66 -10.99
N ALA D 76 -24.13 15.63 -11.15
CA ALA D 76 -22.68 15.76 -11.19
C ALA D 76 -22.18 15.41 -12.58
N TYR D 77 -21.25 16.21 -13.09
CA TYR D 77 -20.67 15.99 -14.42
C TYR D 77 -19.16 15.84 -14.30
N ILE D 78 -18.63 14.78 -14.89
CA ILE D 78 -17.21 14.66 -15.16
C ILE D 78 -17.00 15.01 -16.63
N GLU D 79 -15.91 15.72 -16.91
CA GLU D 79 -15.55 16.07 -18.28
C GLU D 79 -14.09 15.72 -18.50
N LEU D 80 -13.83 14.74 -19.36
CA LEU D 80 -12.48 14.26 -19.64
C LEU D 80 -12.18 14.45 -21.11
N ARG D 81 -11.10 15.19 -21.39
CA ARG D 81 -10.71 15.53 -22.76
C ARG D 81 -9.32 15.00 -23.08
N GLY D 82 -8.73 15.50 -24.16
CA GLY D 82 -7.46 14.93 -24.62
C GLY D 82 -7.54 13.43 -24.81
N LEU D 83 -8.64 12.96 -25.38
CA LEU D 83 -9.00 11.55 -25.28
C LEU D 83 -8.07 10.66 -26.09
N THR D 84 -7.68 9.54 -25.48
CA THR D 84 -6.87 8.52 -26.12
C THR D 84 -7.51 7.17 -25.84
N SER D 85 -6.99 6.14 -26.53
CA SER D 85 -7.54 4.80 -26.37
C SER D 85 -7.43 4.29 -24.94
N ASP D 86 -6.45 4.78 -24.18
CA ASP D 86 -6.28 4.37 -22.79
C ASP D 86 -7.39 4.88 -21.88
N ASP D 87 -8.29 5.72 -22.39
CA ASP D 87 -9.42 6.23 -21.62
C ASP D 87 -10.71 5.46 -21.90
N THR D 88 -10.63 4.36 -22.66
CA THR D 88 -11.79 3.52 -22.91
C THR D 88 -12.05 2.66 -21.67
N ALA D 89 -13.16 2.93 -20.98
CA ALA D 89 -13.42 2.28 -19.70
C ALA D 89 -14.88 2.51 -19.32
N ILE D 90 -15.29 1.83 -18.25
CA ILE D 90 -16.58 2.08 -17.62
C ILE D 90 -16.35 3.10 -16.51
N TYR D 91 -17.10 4.20 -16.54
CA TYR D 91 -16.92 5.29 -15.60
C TYR D 91 -18.07 5.28 -14.60
N TYR D 92 -17.73 5.07 -13.33
CA TYR D 92 -18.70 5.01 -12.25
C TYR D 92 -18.66 6.29 -11.44
N CYS D 93 -19.84 6.70 -10.96
CA CYS D 93 -19.94 7.68 -9.88
C CYS D 93 -20.44 6.97 -8.63
N THR D 94 -19.94 7.41 -7.48
CA THR D 94 -20.23 6.76 -6.21
C THR D 94 -20.17 7.79 -5.10
N GLY D 95 -20.73 7.40 -3.95
CA GLY D 95 -20.69 8.24 -2.77
C GLY D 95 -19.52 7.90 -1.87
N GLY D 96 -19.25 8.79 -0.94
CA GLY D 96 -18.14 8.59 -0.02
C GLY D 96 -18.32 9.38 1.25
N SER D 97 -17.58 8.99 2.27
CA SER D 97 -17.53 9.72 3.53
C SER D 97 -16.08 10.10 3.78
N LYS D 98 -15.81 11.39 3.83
CA LYS D 98 -14.52 11.89 4.25
C LYS D 98 -14.58 12.30 5.71
N HIS D 99 -13.41 12.37 6.34
CA HIS D 99 -13.27 12.89 7.68
C HIS D 99 -12.52 14.21 7.57
N ARG D 100 -13.23 15.31 7.77
CA ARG D 100 -12.61 16.63 7.76
C ARG D 100 -12.00 16.88 9.14
N LEU D 101 -10.68 16.82 9.21
CA LEU D 101 -9.95 16.86 10.48
C LEU D 101 -8.96 18.01 10.47
N ARG D 102 -8.94 18.77 11.56
CA ARG D 102 -7.93 19.81 11.73
C ARG D 102 -6.62 19.15 12.16
N ASP D 103 -5.60 19.26 11.31
CA ASP D 103 -4.31 18.65 11.61
C ASP D 103 -3.35 19.61 12.29
N TYR D 104 -3.47 20.90 12.01
CA TYR D 104 -2.58 21.92 12.54
C TYR D 104 -3.39 23.11 13.01
N VAL D 105 -2.87 23.80 14.02
CA VAL D 105 -3.49 25.03 14.53
C VAL D 105 -2.40 25.86 15.19
N LEU D 106 -2.57 27.18 15.15
CA LEU D 106 -1.65 28.11 15.79
C LEU D 106 -2.44 29.22 16.48
N ASP D 108 -2.57 32.77 18.41
CA ASP D 108 -1.79 33.98 18.67
C ASP D 108 -1.94 34.37 20.13
N ASP D 109 -1.18 35.38 20.56
CA ASP D 109 -1.16 35.75 21.97
C ASP D 109 -2.54 36.10 22.52
N TYR D 110 -3.56 36.24 21.68
CA TYR D 110 -4.87 36.69 22.12
C TYR D 110 -5.88 35.55 22.18
N GLY D 111 -5.44 34.31 22.03
CA GLY D 111 -6.32 33.16 22.05
C GLY D 111 -7.01 32.84 20.75
N LEU D 112 -6.62 33.47 19.64
CA LEU D 112 -7.29 33.32 18.36
C LEU D 112 -6.47 32.45 17.42
N ILE D 113 -7.16 31.90 16.42
CA ILE D 113 -6.54 30.96 15.48
C ILE D 113 -5.70 31.75 14.49
N ASN D 114 -4.38 31.64 14.62
CA ASN D 114 -3.48 32.34 13.70
C ASN D 114 -3.31 31.59 12.39
N GLN D 115 -2.98 30.30 12.46
CA GLN D 115 -2.95 29.43 11.30
C GLN D 115 -3.65 28.12 11.67
N GLN D 116 -4.15 27.43 10.65
CA GLN D 116 -4.68 26.08 10.83
C GLN D 116 -4.77 25.41 9.47
N GLU D 117 -4.72 24.08 9.49
CA GLU D 117 -4.80 23.29 8.27
C GLU D 117 -5.84 22.19 8.47
N TRP D 118 -6.81 22.14 7.57
CA TRP D 118 -7.80 21.07 7.52
C TRP D 118 -7.55 20.19 6.31
N ASN D 119 -7.91 18.92 6.43
CA ASN D 119 -7.67 17.95 5.36
C ASN D 119 -8.74 16.89 5.40
N ASP D 120 -9.16 16.44 4.22
CA ASP D 120 -10.17 15.41 4.10
C ASP D 120 -9.52 14.04 3.95
N TYR D 121 -10.10 13.04 4.60
CA TYR D 121 -9.57 11.68 4.61
C TYR D 121 -10.69 10.72 4.24
N LEU D 122 -10.51 10.02 3.13
CA LEU D 122 -11.57 9.18 2.60
C LEU D 122 -11.76 7.95 3.48
N GLU D 123 -12.97 7.80 4.03
CA GLU D 123 -13.28 6.63 4.84
C GLU D 123 -13.66 5.44 3.96
N PHE D 124 -14.62 5.62 3.05
CA PHE D 124 -15.01 4.54 2.16
C PHE D 124 -15.78 5.11 0.97
N LEU D 125 -15.96 4.27 -0.04
CA LEU D 125 -16.84 4.53 -1.17
C LEU D 125 -18.08 3.66 -1.03
N ASP D 126 -19.26 4.27 -1.19
CA ASP D 126 -20.52 3.55 -1.05
C ASP D 126 -21.53 4.12 -2.02
N VAL D 127 -22.60 3.34 -2.25
CA VAL D 127 -23.69 3.72 -3.15
C VAL D 127 -23.16 3.92 -4.56
N TRP D 128 -23.20 2.87 -5.38
CA TRP D 128 -22.55 2.84 -6.67
C TRP D 128 -23.55 2.99 -7.79
N GLY D 129 -23.24 3.87 -8.75
CA GLY D 129 -23.88 3.79 -10.04
C GLY D 129 -23.44 2.55 -10.79
N HIS D 130 -24.23 2.14 -11.76
CA HIS D 130 -23.90 0.95 -12.54
C HIS D 130 -23.04 1.25 -13.76
N GLY D 131 -22.49 2.46 -13.84
CA GLY D 131 -21.44 2.75 -14.81
C GLY D 131 -21.87 3.26 -16.16
N THR D 132 -21.05 4.15 -16.72
CA THR D 132 -21.22 4.61 -18.09
C THR D 132 -20.04 4.12 -18.92
N ALA D 133 -20.34 3.52 -20.07
CA ALA D 133 -19.32 2.94 -20.93
C ALA D 133 -18.90 3.95 -21.99
N VAL D 134 -17.73 4.54 -21.83
CA VAL D 134 -17.16 5.46 -22.82
C VAL D 134 -16.15 4.69 -23.66
N THR D 135 -16.34 4.71 -24.97
CA THR D 135 -15.49 4.00 -25.91
C THR D 135 -14.79 5.02 -26.80
N VAL D 136 -13.46 5.01 -26.80
CA VAL D 136 -12.66 5.92 -27.60
C VAL D 136 -12.22 5.17 -28.85
N SER D 137 -12.75 5.57 -30.00
CA SER D 137 -12.46 4.91 -31.26
C SER D 137 -12.86 5.83 -32.41
N SER D 138 -12.44 5.47 -33.62
CA SER D 138 -12.77 6.22 -34.82
C SER D 138 -13.66 5.43 -35.78
N ALA D 139 -14.28 4.36 -35.29
CA ALA D 139 -15.18 3.55 -36.10
C ALA D 139 -16.62 4.04 -35.94
N SER D 140 -17.39 3.91 -37.01
CA SER D 140 -18.79 4.29 -36.96
C SER D 140 -19.64 3.14 -36.42
N THR D 141 -20.85 3.49 -35.98
CA THR D 141 -21.78 2.48 -35.48
C THR D 141 -22.12 1.50 -36.59
N LYS D 142 -22.15 0.22 -36.25
CA LYS D 142 -22.34 -0.84 -37.23
C LYS D 142 -23.01 -2.02 -36.56
N GLY D 143 -24.16 -2.43 -37.08
CA GLY D 143 -24.83 -3.63 -36.63
C GLY D 143 -24.06 -4.86 -37.05
N PRO D 144 -24.20 -5.95 -36.31
CA PRO D 144 -23.44 -7.17 -36.61
C PRO D 144 -24.16 -8.09 -37.58
N SER D 145 -23.38 -9.02 -38.12
CA SER D 145 -23.91 -10.12 -38.92
C SER D 145 -23.88 -11.39 -38.06
N VAL D 146 -25.01 -12.08 -38.01
CA VAL D 146 -25.16 -13.27 -37.18
C VAL D 146 -25.03 -14.50 -38.07
N PHE D 147 -24.08 -15.36 -37.75
CA PHE D 147 -23.87 -16.60 -38.48
C PHE D 147 -24.08 -17.80 -37.57
N PRO D 148 -24.54 -18.92 -38.11
CA PRO D 148 -24.74 -20.11 -37.29
C PRO D 148 -23.45 -20.88 -37.06
N LEU D 149 -23.34 -21.45 -35.87
CA LEU D 149 -22.26 -22.38 -35.53
C LEU D 149 -22.92 -23.74 -35.33
N ALA D 150 -22.86 -24.57 -36.37
CA ALA D 150 -23.48 -25.89 -36.36
C ALA D 150 -22.42 -26.99 -36.42
N PRO D 151 -22.76 -28.21 -36.00
CA PRO D 151 -21.80 -29.33 -36.09
C PRO D 151 -21.36 -29.63 -37.52
N THR D 160 -23.58 -36.35 -27.82
CA THR D 160 -23.69 -34.96 -27.38
C THR D 160 -23.02 -34.02 -28.39
N ALA D 161 -23.67 -32.89 -28.67
CA ALA D 161 -23.20 -31.94 -29.66
C ALA D 161 -23.25 -30.54 -29.08
N ALA D 162 -22.77 -29.57 -29.87
CA ALA D 162 -22.78 -28.18 -29.49
C ALA D 162 -23.11 -27.32 -30.70
N LEU D 163 -23.70 -26.16 -30.45
CA LEU D 163 -24.10 -25.25 -31.52
C LEU D 163 -24.24 -23.85 -30.93
N GLY D 164 -24.32 -22.87 -31.82
CA GLY D 164 -24.43 -21.50 -31.38
C GLY D 164 -24.51 -20.52 -32.52
N CYS D 165 -24.28 -19.25 -32.18
CA CYS D 165 -24.35 -18.14 -33.12
C CYS D 165 -23.04 -17.38 -33.07
N LEU D 166 -22.78 -16.58 -34.12
CA LEU D 166 -21.57 -15.77 -34.21
C LEU D 166 -21.95 -14.33 -34.54
N VAL D 167 -21.93 -13.47 -33.52
CA VAL D 167 -22.25 -12.06 -33.68
C VAL D 167 -20.98 -11.34 -34.12
N LYS D 168 -20.97 -10.87 -35.38
CA LYS D 168 -19.74 -10.55 -36.09
C LYS D 168 -19.75 -9.11 -36.59
N ASP D 169 -18.65 -8.40 -36.31
CA ASP D 169 -18.36 -7.08 -36.88
C ASP D 169 -19.42 -6.06 -36.50
N TYR D 170 -19.36 -5.64 -35.24
CA TYR D 170 -20.27 -4.61 -34.75
C TYR D 170 -19.52 -3.56 -33.94
N PHE D 171 -20.16 -2.41 -33.79
CA PHE D 171 -19.60 -1.30 -33.03
C PHE D 171 -20.70 -0.32 -32.67
N PRO D 172 -20.72 0.16 -31.42
CA PRO D 172 -19.81 -0.31 -30.37
C PRO D 172 -20.37 -1.50 -29.59
N GLU D 173 -19.81 -1.76 -28.42
CA GLU D 173 -20.41 -2.68 -27.47
C GLU D 173 -21.65 -2.01 -26.88
N PRO D 174 -22.59 -2.80 -26.34
CA PRO D 174 -22.59 -4.25 -26.18
C PRO D 174 -23.58 -4.98 -27.07
N VAL D 175 -23.72 -6.29 -26.81
CA VAL D 175 -24.69 -7.15 -27.49
C VAL D 175 -25.22 -8.14 -26.48
N THR D 176 -26.54 -8.35 -26.49
CA THR D 176 -27.16 -9.37 -25.66
C THR D 176 -27.50 -10.59 -26.51
N VAL D 177 -27.27 -11.77 -25.96
CA VAL D 177 -27.64 -13.02 -26.60
C VAL D 177 -28.42 -13.86 -25.60
N SER D 178 -29.65 -14.19 -25.95
CA SER D 178 -30.45 -15.17 -25.23
C SER D 178 -30.65 -16.38 -26.13
N TRP D 179 -31.27 -17.41 -25.59
CA TRP D 179 -31.58 -18.61 -26.36
C TRP D 179 -33.02 -19.02 -26.08
N ASN D 180 -33.79 -19.19 -27.15
CA ASN D 180 -35.20 -19.53 -27.08
C ASN D 180 -35.97 -18.52 -26.22
N SER D 181 -35.62 -17.24 -26.39
CA SER D 181 -36.33 -16.12 -25.78
C SER D 181 -36.25 -16.16 -24.26
N GLY D 182 -35.09 -16.56 -23.74
CA GLY D 182 -34.88 -16.66 -22.31
C GLY D 182 -35.37 -17.94 -21.69
N ALA D 183 -35.95 -18.86 -22.47
CA ALA D 183 -36.43 -20.11 -21.90
C ALA D 183 -35.29 -21.06 -21.57
N LEU D 184 -34.16 -20.93 -22.27
CA LEU D 184 -33.01 -21.80 -22.07
C LEU D 184 -31.93 -21.05 -21.31
N THR D 185 -31.63 -21.51 -20.09
CA THR D 185 -30.63 -20.88 -19.24
C THR D 185 -29.66 -21.89 -18.64
N SER D 186 -29.48 -23.03 -19.28
CA SER D 186 -28.54 -24.03 -18.83
C SER D 186 -27.83 -24.64 -20.03
N GLY D 187 -26.52 -24.85 -19.91
CA GLY D 187 -25.71 -25.30 -21.02
C GLY D 187 -25.26 -24.20 -21.95
N VAL D 188 -25.50 -22.94 -21.61
CA VAL D 188 -25.21 -21.81 -22.48
C VAL D 188 -23.90 -21.16 -22.04
N HIS D 189 -23.08 -20.79 -23.03
CA HIS D 189 -21.89 -19.97 -22.80
C HIS D 189 -21.88 -18.85 -23.84
N THR D 190 -21.83 -17.61 -23.36
CA THR D 190 -21.70 -16.44 -24.22
C THR D 190 -20.40 -15.75 -23.85
N PHE D 191 -19.48 -15.69 -24.79
CA PHE D 191 -18.08 -15.38 -24.53
C PHE D 191 -17.81 -13.88 -24.58
N PRO D 192 -16.75 -13.42 -23.93
CA PRO D 192 -16.36 -12.01 -24.09
C PRO D 192 -16.03 -11.68 -25.53
N ALA D 193 -16.55 -10.55 -26.00
CA ALA D 193 -16.28 -10.12 -27.37
C ALA D 193 -14.83 -9.67 -27.51
N VAL D 194 -14.22 -10.04 -28.62
CA VAL D 194 -12.84 -9.67 -28.93
C VAL D 194 -12.84 -8.49 -29.89
N LEU D 195 -11.92 -7.55 -29.68
CA LEU D 195 -11.77 -6.40 -30.56
C LEU D 195 -10.82 -6.75 -31.70
N GLN D 196 -11.25 -6.49 -32.92
CA GLN D 196 -10.50 -6.88 -34.11
C GLN D 196 -9.69 -5.72 -34.65
N SER D 197 -8.84 -6.03 -35.64
CA SER D 197 -8.10 -4.98 -36.34
C SER D 197 -9.02 -4.08 -37.16
N SER D 198 -10.25 -4.53 -37.43
CA SER D 198 -11.23 -3.70 -38.11
C SER D 198 -11.75 -2.58 -37.24
N GLY D 199 -11.41 -2.55 -35.95
CA GLY D 199 -12.08 -1.69 -35.00
C GLY D 199 -13.45 -2.18 -34.59
N LEU D 200 -13.90 -3.31 -35.13
CA LEU D 200 -15.20 -3.90 -34.83
C LEU D 200 -15.00 -5.12 -33.94
N TYR D 201 -16.08 -5.54 -33.28
CA TYR D 201 -16.03 -6.62 -32.31
C TYR D 201 -16.68 -7.89 -32.87
N SER D 202 -16.25 -9.03 -32.33
CA SER D 202 -16.80 -10.33 -32.68
C SER D 202 -17.01 -11.13 -31.41
N LEU D 203 -18.21 -11.68 -31.23
CA LEU D 203 -18.57 -12.44 -30.05
C LEU D 203 -19.24 -13.73 -30.47
N SER D 204 -19.07 -14.77 -29.65
CA SER D 204 -19.69 -16.06 -29.88
C SER D 204 -20.54 -16.45 -28.67
N SER D 205 -21.60 -17.21 -28.93
CA SER D 205 -22.48 -17.71 -27.88
C SER D 205 -22.96 -19.09 -28.28
N VAL D 206 -22.58 -20.10 -27.49
CA VAL D 206 -22.83 -21.49 -27.82
C VAL D 206 -23.75 -22.11 -26.78
N VAL D 207 -24.21 -23.32 -27.08
CA VAL D 207 -24.96 -24.13 -26.13
C VAL D 207 -24.79 -25.60 -26.52
N THR D 208 -24.50 -26.44 -25.54
CA THR D 208 -24.25 -27.86 -25.77
C THR D 208 -25.53 -28.64 -25.47
N VAL D 209 -25.99 -29.40 -26.45
CA VAL D 209 -27.27 -30.10 -26.36
C VAL D 209 -27.04 -31.56 -26.72
N PRO D 210 -27.96 -32.45 -26.33
CA PRO D 210 -27.84 -33.85 -26.76
C PRO D 210 -28.12 -33.97 -28.25
N SER D 211 -27.23 -34.69 -28.95
CA SER D 211 -27.36 -34.83 -30.39
C SER D 211 -28.62 -35.60 -30.79
N SER D 212 -29.18 -36.39 -29.88
CA SER D 212 -30.38 -37.14 -30.20
C SER D 212 -31.55 -36.20 -30.48
N SER D 213 -31.62 -35.08 -29.76
CA SER D 213 -32.72 -34.14 -29.88
C SER D 213 -32.38 -32.96 -30.79
N LEU D 214 -31.44 -33.16 -31.73
CA LEU D 214 -31.10 -32.08 -32.67
C LEU D 214 -32.23 -31.83 -33.66
N GLY D 215 -32.78 -32.91 -34.23
CA GLY D 215 -33.88 -32.76 -35.17
C GLY D 215 -35.22 -32.51 -34.53
N THR D 216 -35.38 -32.86 -33.25
CA THR D 216 -36.67 -32.72 -32.59
C THR D 216 -36.84 -31.38 -31.89
N GLN D 217 -35.75 -30.80 -31.39
CA GLN D 217 -35.81 -29.58 -30.58
C GLN D 217 -35.24 -28.40 -31.35
N THR D 218 -35.89 -27.24 -31.19
CA THR D 218 -35.50 -26.01 -31.86
C THR D 218 -34.64 -25.16 -30.93
N TYR D 219 -33.60 -24.55 -31.49
CA TYR D 219 -32.68 -23.69 -30.75
C TYR D 219 -32.48 -22.39 -31.53
N ILE D 220 -33.07 -21.30 -31.05
CA ILE D 220 -33.00 -20.00 -31.70
C ILE D 220 -32.32 -19.02 -30.75
N CYS D 221 -31.25 -18.37 -31.23
CA CYS D 221 -30.54 -17.38 -30.45
C CYS D 221 -31.08 -15.99 -30.74
N ASN D 222 -31.18 -15.16 -29.70
CA ASN D 222 -31.77 -13.84 -29.79
C ASN D 222 -30.67 -12.80 -29.59
N VAL D 223 -30.22 -12.21 -30.69
CA VAL D 223 -29.12 -11.25 -30.67
C VAL D 223 -29.69 -9.85 -30.76
N ASN D 224 -29.32 -9.01 -29.80
CA ASN D 224 -29.75 -7.62 -29.77
C ASN D 224 -28.54 -6.71 -29.77
N HIS D 225 -28.52 -5.73 -30.66
CA HIS D 225 -27.49 -4.69 -30.70
C HIS D 225 -28.21 -3.36 -30.63
N LYS D 226 -28.44 -2.87 -29.41
CA LYS D 226 -29.17 -1.63 -29.22
C LYS D 226 -28.55 -0.41 -29.88
N PRO D 227 -27.22 -0.24 -29.95
CA PRO D 227 -26.68 0.99 -30.58
C PRO D 227 -27.11 1.18 -32.03
N SER D 228 -27.17 0.11 -32.82
CA SER D 228 -27.57 0.21 -34.22
C SER D 228 -29.01 -0.23 -34.45
N ASN D 229 -29.75 -0.56 -33.39
CA ASN D 229 -31.13 -1.04 -33.48
C ASN D 229 -31.23 -2.30 -34.34
N THR D 230 -30.27 -3.21 -34.16
CA THR D 230 -30.22 -4.47 -34.90
C THR D 230 -30.62 -5.60 -33.97
N LYS D 231 -31.69 -6.31 -34.32
CA LYS D 231 -32.20 -7.41 -33.51
C LYS D 231 -32.53 -8.58 -34.43
N VAL D 232 -31.84 -9.70 -34.22
CA VAL D 232 -31.96 -10.86 -35.10
C VAL D 232 -32.27 -12.09 -34.27
N ASP D 233 -33.28 -12.84 -34.67
CA ASP D 233 -33.57 -14.15 -34.12
C ASP D 233 -33.13 -15.19 -35.15
N LYS D 234 -31.93 -15.74 -34.96
CA LYS D 234 -31.36 -16.72 -35.86
C LYS D 234 -31.61 -18.12 -35.30
N LYS D 235 -32.31 -18.95 -36.08
CA LYS D 235 -32.43 -20.36 -35.76
C LYS D 235 -31.22 -21.11 -36.28
N VAL D 236 -30.64 -21.95 -35.44
CA VAL D 236 -29.44 -22.70 -35.78
C VAL D 236 -29.82 -24.16 -35.92
N GLU D 237 -29.69 -24.68 -37.13
CA GLU D 237 -30.00 -26.06 -37.47
C GLU D 237 -28.82 -26.66 -38.22
N PRO D 238 -28.66 -28.00 -38.17
CA PRO D 238 -27.58 -28.64 -38.93
C PRO D 238 -28.08 -29.27 -40.23
#